data_4IMJ
#
_entry.id   4IMJ
#
_cell.length_a   127.992
_cell.length_b   127.992
_cell.length_c   105.775
_cell.angle_alpha   90.00
_cell.angle_beta   90.00
_cell.angle_gamma   90.00
#
_symmetry.space_group_name_H-M   'P 4'
#
loop_
_entity.id
_entity.type
_entity.pdbx_description
1 polymer Symplekin
2 polymer CG14216
3 polymer CTD
4 non-polymer 'PHOSPHATE ION'
5 water water
#
loop_
_entity_poly.entity_id
_entity_poly.type
_entity_poly.pdbx_seq_one_letter_code
_entity_poly.pdbx_strand_id
1 'polypeptide(L)'
;GPGSGMTDEKTATARAKVVDWCNELVIASPSTKCELLAKVQETVLGSCAELAEEFLESVLSLAHDSNMEVRKQVVAFVEQ
VCKVKVELLPHVINVVSMLLRDNSAQVIKRVIQACGSIYKNGLQYLCSLMEPGDSAEQAWNILSLIKAQILDMIDNENDG
IRTNAIKFLEGVVVLQSFADEDSLKRDGDFSLADVPDHCTLFRREKLQEEGNNILDILLQFHGTTHISSVNLIACTSSLC
TIAKMRPIFMGAVVEAFKQLNANLPPTLTDSQVSSVRKSLKMQLQTLLKNRGAFEFASTIRGMLVDLGSSTNEIQKLIPK
MDKQEMARRQKRILENAAQ
;
A,C
2 'polypeptide(L)'
;GPGSGMTDPSKLAVAVVDSSNMNRSMEAHNFLAKKGFNVRSYGTGERVKLPGMAFDKPNVYEFGTKYEDIYRDLESKDKE
FYTQNGLLHMLDRNRRIKKCPERFQDTKEQFDIIVTVEERVYDLVVMHMESMESVDNRPVHVLNVDVVNNAEDALMGAFV
ITDMINMMAKSTDLDNDIDELIQEFEERRKRVILHSVLFY
;
B,D
3 'polypeptide(L)' SPSYSPTSPSYSPT(SEP)PSYS F
#
loop_
_chem_comp.id
_chem_comp.type
_chem_comp.name
_chem_comp.formula
PO4 non-polymer 'PHOSPHATE ION' 'O4 P -3'
#
# COMPACT_ATOMS: atom_id res chain seq x y z
N MET A 6 2.67 33.95 47.13
CA MET A 6 1.64 32.90 47.20
C MET A 6 2.09 31.61 46.50
N THR A 7 1.80 30.46 47.14
CA THR A 7 2.20 29.13 46.72
C THR A 7 1.02 28.21 46.31
N ASP A 8 1.35 27.03 45.73
CA ASP A 8 0.46 25.91 45.35
C ASP A 8 1.34 24.64 45.12
N GLU A 9 0.69 23.51 44.79
CA GLU A 9 1.31 22.20 44.60
C GLU A 9 1.92 21.94 43.20
N LYS A 10 1.53 22.73 42.16
CA LYS A 10 1.92 22.55 40.76
C LYS A 10 3.44 22.33 40.53
N THR A 11 4.33 23.21 41.06
CA THR A 11 5.79 23.11 40.89
C THR A 11 6.35 21.79 41.46
N ALA A 12 6.02 21.47 42.74
CA ALA A 12 6.44 20.27 43.46
C ALA A 12 5.99 18.98 42.73
N THR A 13 4.74 18.97 42.22
CA THR A 13 4.14 17.85 41.48
C THR A 13 4.86 17.65 40.13
N ALA A 14 5.31 18.76 39.52
CA ALA A 14 6.05 18.74 38.26
C ALA A 14 7.51 18.30 38.50
N ARG A 15 8.15 18.80 39.59
CA ARG A 15 9.53 18.46 39.96
C ARG A 15 9.68 16.95 40.24
N ALA A 16 8.68 16.35 40.95
CA ALA A 16 8.62 14.92 41.27
C ALA A 16 8.55 14.07 40.00
N LYS A 17 7.77 14.54 38.99
CA LYS A 17 7.56 13.94 37.67
C LYS A 17 8.87 13.90 36.85
N VAL A 18 9.63 15.03 36.80
CA VAL A 18 10.88 15.16 36.03
C VAL A 18 12.06 14.46 36.77
N VAL A 19 12.09 14.45 38.12
CA VAL A 19 13.11 13.75 38.92
C VAL A 19 13.10 12.26 38.52
N ASP A 20 11.87 11.69 38.42
CA ASP A 20 11.56 10.32 38.02
C ASP A 20 12.09 10.05 36.61
N TRP A 21 11.78 10.98 35.68
CA TRP A 21 12.20 10.93 34.29
C TRP A 21 13.74 11.03 34.12
N CYS A 22 14.41 11.93 34.88
CA CYS A 22 15.86 12.14 34.85
C CYS A 22 16.63 10.95 35.43
N ASN A 23 15.99 10.22 36.36
CA ASN A 23 16.53 9.03 37.01
C ASN A 23 16.47 7.85 36.05
N GLU A 24 15.36 7.69 35.29
CA GLU A 24 15.18 6.62 34.31
C GLU A 24 16.22 6.70 33.17
N LEU A 25 16.66 7.93 32.80
CA LEU A 25 17.58 8.26 31.69
C LEU A 25 18.90 7.48 31.72
N VAL A 26 19.56 7.43 32.90
CA VAL A 26 20.87 6.78 33.12
C VAL A 26 20.81 5.27 32.85
N ILE A 27 19.61 4.66 32.93
CA ILE A 27 19.40 3.22 32.75
C ILE A 27 18.41 2.91 31.60
N ALA A 28 18.05 3.91 30.80
CA ALA A 28 17.10 3.73 29.69
C ALA A 28 17.80 3.50 28.35
N SER A 29 17.09 2.77 27.44
CA SER A 29 17.53 2.54 26.07
C SER A 29 17.49 3.87 25.30
N PRO A 30 18.37 4.09 24.28
CA PRO A 30 18.33 5.37 23.54
C PRO A 30 16.94 5.77 23.05
N SER A 31 16.09 4.78 22.67
CA SER A 31 14.72 4.97 22.22
C SER A 31 13.85 5.51 23.37
N THR A 32 14.03 4.95 24.59
CA THR A 32 13.33 5.36 25.81
C THR A 32 13.84 6.74 26.24
N LYS A 33 15.16 7.00 26.09
CA LYS A 33 15.84 8.27 26.41
C LYS A 33 15.21 9.48 25.67
N CYS A 34 14.85 9.31 24.38
CA CYS A 34 14.27 10.36 23.54
C CYS A 34 12.83 10.67 23.96
N GLU A 35 12.10 9.62 24.39
CA GLU A 35 10.71 9.72 24.88
C GLU A 35 10.71 10.51 26.18
N LEU A 36 11.63 10.16 27.08
CA LEU A 36 11.83 10.80 28.38
C LEU A 36 12.18 12.28 28.21
N LEU A 37 13.15 12.59 27.33
CA LEU A 37 13.63 13.95 27.04
C LEU A 37 12.51 14.83 26.47
N ALA A 38 11.63 14.26 25.62
CA ALA A 38 10.50 14.98 25.03
C ALA A 38 9.55 15.48 26.14
N LYS A 39 9.28 14.59 27.13
CA LYS A 39 8.44 14.86 28.30
C LYS A 39 9.11 15.89 29.23
N VAL A 40 10.43 15.76 29.44
CA VAL A 40 11.23 16.66 30.29
C VAL A 40 11.20 18.10 29.71
N GLN A 41 11.38 18.24 28.39
CA GLN A 41 11.38 19.51 27.66
C GLN A 41 10.03 20.24 27.82
N GLU A 42 8.91 19.50 27.54
CA GLU A 42 7.53 19.96 27.62
C GLU A 42 7.20 20.55 29.01
N THR A 43 7.71 19.93 30.08
CA THR A 43 7.44 20.37 31.45
C THR A 43 8.42 21.49 31.85
N VAL A 44 9.71 21.17 31.92
CA VAL A 44 10.81 22.02 32.40
C VAL A 44 10.98 23.35 31.60
N LEU A 45 10.59 23.37 30.31
CA LEU A 45 10.67 24.57 29.45
C LEU A 45 9.26 25.08 29.03
N GLY A 46 8.21 24.36 29.41
CA GLY A 46 6.83 24.68 29.09
C GLY A 46 5.91 24.87 30.29
N SER A 47 5.17 23.79 30.66
CA SER A 47 4.19 23.68 31.77
C SER A 47 4.69 24.29 33.10
N CYS A 48 5.93 23.93 33.52
CA CYS A 48 6.56 24.45 34.74
C CYS A 48 8.00 24.88 34.38
N ALA A 49 8.08 26.06 33.73
CA ALA A 49 9.29 26.69 33.19
C ALA A 49 10.37 26.98 34.25
N GLU A 50 9.99 27.15 35.53
CA GLU A 50 10.90 27.47 36.64
C GLU A 50 11.99 26.40 36.85
N LEU A 51 11.63 25.11 36.62
CA LEU A 51 12.47 23.93 36.82
C LEU A 51 13.63 23.75 35.79
N ALA A 52 13.74 24.63 34.78
CA ALA A 52 14.71 24.53 33.69
C ALA A 52 16.19 24.54 34.13
N GLU A 53 16.62 25.44 35.04
CA GLU A 53 18.04 25.51 35.40
C GLU A 53 18.53 24.25 36.17
N GLU A 54 17.74 23.75 37.14
CA GLU A 54 18.15 22.59 37.96
C GLU A 54 18.32 21.29 37.15
N PHE A 55 17.53 21.08 36.07
CA PHE A 55 17.61 19.85 35.28
C PHE A 55 18.45 20.01 33.97
N LEU A 56 19.26 21.11 33.87
CA LEU A 56 20.11 21.42 32.71
C LEU A 56 21.17 20.35 32.54
N GLU A 57 22.07 20.18 33.55
CA GLU A 57 23.17 19.22 33.51
C GLU A 57 22.69 17.79 33.27
N SER A 58 21.49 17.44 33.77
CA SER A 58 20.91 16.12 33.53
C SER A 58 20.75 15.86 32.02
N VAL A 59 20.21 16.86 31.28
CA VAL A 59 19.97 16.80 29.84
C VAL A 59 21.30 17.00 29.05
N LEU A 60 22.10 18.02 29.41
CA LEU A 60 23.35 18.38 28.74
C LEU A 60 24.41 17.29 28.76
N SER A 61 24.33 16.37 29.74
CA SER A 61 25.26 15.25 29.85
C SER A 61 25.02 14.24 28.72
N LEU A 62 23.75 14.14 28.24
CA LEU A 62 23.32 13.23 27.17
C LEU A 62 23.83 13.64 25.77
N ALA A 63 24.61 14.74 25.70
CA ALA A 63 25.26 15.22 24.49
C ALA A 63 26.43 14.30 24.13
N HIS A 64 26.91 13.51 25.12
CA HIS A 64 28.01 12.56 24.99
C HIS A 64 27.51 11.16 24.60
N ASP A 65 26.20 10.88 24.72
CA ASP A 65 25.64 9.58 24.39
C ASP A 65 26.04 9.11 22.97
N SER A 66 26.23 7.79 22.79
CA SER A 66 26.60 7.11 21.54
C SER A 66 25.49 7.24 20.47
N ASN A 67 24.19 7.30 20.87
CA ASN A 67 23.10 7.37 19.90
C ASN A 67 22.93 8.79 19.35
N MET A 68 22.91 8.91 18.01
CA MET A 68 22.79 10.19 17.32
C MET A 68 21.43 10.85 17.55
N GLU A 69 20.33 10.07 17.62
CA GLU A 69 18.97 10.57 17.89
C GLU A 69 18.90 11.29 19.23
N VAL A 70 19.59 10.72 20.24
CA VAL A 70 19.67 11.26 21.59
C VAL A 70 20.39 12.62 21.51
N ARG A 71 21.54 12.65 20.81
CA ARG A 71 22.33 13.87 20.60
C ARG A 71 21.50 14.98 19.89
N LYS A 72 20.63 14.58 18.93
CA LYS A 72 19.76 15.45 18.17
C LYS A 72 18.64 16.01 19.05
N GLN A 73 18.17 15.21 20.05
CA GLN A 73 17.15 15.63 21.02
C GLN A 73 17.70 16.69 21.95
N VAL A 74 18.99 16.58 22.32
CA VAL A 74 19.70 17.53 23.18
C VAL A 74 19.75 18.89 22.45
N VAL A 75 20.03 18.86 21.12
CA VAL A 75 20.07 20.03 20.23
C VAL A 75 18.67 20.71 20.25
N ALA A 76 17.61 19.92 20.05
CA ALA A 76 16.23 20.38 20.06
C ALA A 76 15.89 21.09 21.38
N PHE A 77 16.40 20.56 22.51
CA PHE A 77 16.21 21.09 23.85
C PHE A 77 16.93 22.43 23.99
N VAL A 78 18.25 22.46 23.68
CA VAL A 78 19.12 23.65 23.76
C VAL A 78 18.55 24.80 22.89
N GLU A 79 17.98 24.46 21.72
CA GLU A 79 17.36 25.42 20.81
C GLU A 79 16.11 26.03 21.47
N GLN A 80 15.34 25.22 22.24
CA GLN A 80 14.15 25.69 22.94
C GLN A 80 14.54 26.60 24.13
N VAL A 81 15.64 26.24 24.85
CA VAL A 81 16.21 26.99 25.97
C VAL A 81 16.48 28.44 25.54
N CYS A 82 17.10 28.64 24.37
CA CYS A 82 17.43 29.98 23.87
C CYS A 82 16.18 30.75 23.38
N LYS A 83 15.06 30.05 23.15
CA LYS A 83 13.81 30.67 22.73
C LYS A 83 13.01 31.17 23.95
N VAL A 84 12.86 30.33 25.02
CA VAL A 84 12.04 30.65 26.20
C VAL A 84 12.84 31.13 27.43
N LYS A 85 14.06 30.61 27.67
CA LYS A 85 14.87 30.99 28.83
C LYS A 85 16.28 31.37 28.37
N VAL A 86 16.35 32.32 27.43
CA VAL A 86 17.58 32.80 26.79
C VAL A 86 18.68 33.23 27.83
N GLU A 87 18.33 33.47 29.10
CA GLU A 87 19.28 33.86 30.15
C GLU A 87 20.25 32.71 30.46
N LEU A 88 19.83 31.47 30.15
CA LEU A 88 20.61 30.25 30.33
C LEU A 88 21.60 30.02 29.17
N LEU A 89 21.59 30.90 28.14
CA LEU A 89 22.42 30.82 26.93
C LEU A 89 23.89 30.52 27.27
N PRO A 90 24.56 31.25 28.22
CA PRO A 90 25.98 30.93 28.52
C PRO A 90 26.23 29.51 29.06
N HIS A 91 25.21 28.87 29.66
CA HIS A 91 25.28 27.52 30.23
C HIS A 91 24.98 26.40 29.21
N VAL A 92 24.44 26.72 28.02
CA VAL A 92 24.10 25.70 27.03
C VAL A 92 24.91 25.86 25.71
N ILE A 93 25.48 27.04 25.47
CA ILE A 93 26.14 27.38 24.21
C ILE A 93 27.41 26.53 23.90
N ASN A 94 28.10 25.98 24.92
CA ASN A 94 29.32 25.15 24.71
C ASN A 94 29.01 23.84 24.01
N VAL A 95 27.89 23.21 24.41
CA VAL A 95 27.38 21.95 23.89
C VAL A 95 27.15 22.05 22.37
N VAL A 96 26.62 23.20 21.91
CA VAL A 96 26.32 23.51 20.51
C VAL A 96 27.63 23.52 19.69
N SER A 97 28.64 24.29 20.15
CA SER A 97 29.95 24.39 19.51
C SER A 97 30.66 23.03 19.40
N MET A 98 30.59 22.22 20.48
CA MET A 98 31.16 20.88 20.59
C MET A 98 30.46 19.92 19.64
N LEU A 99 29.11 20.02 19.55
CA LEU A 99 28.31 19.16 18.68
C LEU A 99 28.55 19.46 17.18
N LEU A 100 29.20 20.62 16.85
CA LEU A 100 29.58 20.97 15.48
C LEU A 100 30.86 20.21 15.09
N ARG A 101 31.53 19.56 16.08
CA ARG A 101 32.71 18.71 15.85
C ARG A 101 32.25 17.26 15.70
N ASP A 102 30.92 17.00 15.77
CA ASP A 102 30.33 15.65 15.72
C ASP A 102 30.73 14.85 14.48
N ASN A 103 30.81 13.53 14.65
CA ASN A 103 31.18 12.57 13.62
C ASN A 103 30.01 12.31 12.67
N SER A 104 28.76 12.28 13.20
CA SER A 104 27.56 12.04 12.40
C SER A 104 27.11 13.32 11.69
N ALA A 105 26.95 13.24 10.34
CA ALA A 105 26.50 14.33 9.46
C ALA A 105 25.07 14.75 9.84
N GLN A 106 24.24 13.78 10.28
CA GLN A 106 22.86 13.99 10.74
C GLN A 106 22.82 14.89 11.96
N VAL A 107 23.81 14.76 12.86
CA VAL A 107 23.91 15.59 14.06
C VAL A 107 24.36 16.98 13.64
N ILE A 108 25.42 17.08 12.79
CA ILE A 108 25.92 18.37 12.31
C ILE A 108 24.78 19.22 11.71
N LYS A 109 23.99 18.62 10.78
CA LYS A 109 22.88 19.28 10.08
C LYS A 109 21.87 19.85 11.07
N ARG A 110 21.43 19.04 12.07
CA ARG A 110 20.51 19.45 13.12
C ARG A 110 21.08 20.62 13.95
N VAL A 111 22.39 20.58 14.29
CA VAL A 111 23.06 21.66 15.05
C VAL A 111 23.04 22.98 14.23
N ILE A 112 23.41 22.93 12.92
CA ILE A 112 23.41 24.09 12.02
C ILE A 112 22.00 24.69 11.97
N GLN A 113 20.98 23.82 11.84
CA GLN A 113 19.57 24.21 11.79
C GLN A 113 19.20 24.99 13.03
N ALA A 114 19.52 24.43 14.23
CA ALA A 114 19.28 25.05 15.54
C ALA A 114 20.04 26.37 15.74
N CYS A 115 21.26 26.50 15.16
CA CYS A 115 22.11 27.68 15.27
C CYS A 115 21.51 28.92 14.64
N GLY A 116 20.50 28.77 13.81
CA GLY A 116 19.85 29.90 13.16
C GLY A 116 19.17 30.77 14.19
N SER A 117 18.22 30.18 14.94
CA SER A 117 17.45 30.81 16.04
C SER A 117 18.35 31.07 17.23
N ILE A 118 19.26 30.11 17.56
CA ILE A 118 20.19 30.25 18.67
C ILE A 118 21.02 31.53 18.51
N TYR A 119 21.63 31.72 17.32
CA TYR A 119 22.49 32.90 17.10
C TYR A 119 21.69 34.20 17.14
N LYS A 120 20.48 34.21 16.55
CA LYS A 120 19.62 35.39 16.55
C LYS A 120 19.18 35.73 17.99
N ASN A 121 18.67 34.73 18.73
CA ASN A 121 18.23 34.91 20.11
C ASN A 121 19.40 35.29 21.04
N GLY A 122 20.54 34.64 20.82
CA GLY A 122 21.77 34.90 21.55
C GLY A 122 22.30 36.30 21.32
N LEU A 123 22.28 36.77 20.06
CA LEU A 123 22.75 38.11 19.69
C LEU A 123 21.82 39.20 20.28
N GLN A 124 20.49 38.97 20.24
CA GLN A 124 19.44 39.86 20.76
C GLN A 124 19.59 40.06 22.28
N TYR A 125 19.83 38.96 23.01
CA TYR A 125 19.97 38.95 24.46
C TYR A 125 21.24 39.66 24.93
N LEU A 126 22.38 39.37 24.30
CA LEU A 126 23.68 39.91 24.69
C LEU A 126 23.79 41.40 24.49
N CYS A 127 23.25 41.93 23.39
CA CYS A 127 23.33 43.38 23.15
C CYS A 127 22.24 44.15 23.95
N SER A 128 21.31 43.42 24.63
CA SER A 128 20.25 44.00 25.48
C SER A 128 20.76 44.30 26.91
N LEU A 129 21.81 43.57 27.38
CA LEU A 129 22.42 43.73 28.70
C LEU A 129 23.19 45.04 28.77
N MET A 130 22.98 45.83 29.86
CA MET A 130 23.65 47.12 30.05
C MET A 130 24.99 46.97 30.76
N GLU A 131 25.05 46.09 31.77
CA GLU A 131 26.29 45.76 32.48
C GLU A 131 26.57 44.26 32.27
N PRO A 132 27.14 43.86 31.09
CA PRO A 132 27.35 42.43 30.83
C PRO A 132 28.54 41.88 31.61
N GLY A 133 28.33 40.72 32.21
CA GLY A 133 29.34 40.03 32.99
C GLY A 133 30.35 39.25 32.16
N ASP A 134 31.15 38.43 32.85
CA ASP A 134 32.17 37.59 32.23
C ASP A 134 31.50 36.45 31.44
N SER A 135 30.42 35.85 32.00
CA SER A 135 29.65 34.76 31.37
C SER A 135 29.09 35.20 29.99
N ALA A 136 28.75 36.50 29.87
CA ALA A 136 28.24 37.13 28.66
C ALA A 136 29.33 37.22 27.58
N GLU A 137 30.57 37.56 27.98
CA GLU A 137 31.74 37.63 27.09
C GLU A 137 32.15 36.23 26.60
N GLN A 138 31.98 35.21 27.46
CA GLN A 138 32.27 33.81 27.15
C GLN A 138 31.29 33.29 26.11
N ALA A 139 29.98 33.53 26.33
CA ALA A 139 28.88 33.14 25.44
C ALA A 139 29.03 33.77 24.05
N TRP A 140 29.46 35.07 23.99
CA TRP A 140 29.68 35.79 22.74
C TRP A 140 30.90 35.23 21.99
N ASN A 141 31.91 34.81 22.74
CA ASN A 141 33.11 34.21 22.15
C ASN A 141 32.78 32.87 21.48
N ILE A 142 31.90 32.08 22.11
CA ILE A 142 31.46 30.78 21.60
C ILE A 142 30.58 31.00 20.35
N LEU A 143 29.68 32.01 20.39
CA LEU A 143 28.81 32.38 19.27
C LEU A 143 29.66 32.82 18.07
N SER A 144 30.78 33.56 18.31
CA SER A 144 31.72 33.97 17.26
C SER A 144 32.40 32.75 16.62
N LEU A 145 32.69 31.73 17.45
CA LEU A 145 33.36 30.53 16.98
C LEU A 145 32.39 29.65 16.20
N ILE A 146 31.13 29.59 16.63
CA ILE A 146 30.06 28.86 15.95
C ILE A 146 29.90 29.40 14.50
N LYS A 147 29.85 30.74 14.32
CA LYS A 147 29.78 31.38 12.99
C LYS A 147 30.94 30.88 12.12
N ALA A 148 32.18 30.93 12.65
CA ALA A 148 33.40 30.53 11.95
C ALA A 148 33.38 29.03 11.60
N GLN A 149 32.82 28.21 12.50
CA GLN A 149 32.73 26.76 12.34
C GLN A 149 31.84 26.42 11.16
N ILE A 150 30.66 27.05 11.09
CA ILE A 150 29.68 26.80 10.06
C ILE A 150 30.16 27.43 8.76
N LEU A 151 30.87 28.58 8.82
CA LEU A 151 31.46 29.19 7.64
C LEU A 151 32.43 28.23 6.95
N ASP A 152 33.18 27.41 7.73
CA ASP A 152 34.12 26.44 7.15
C ASP A 152 33.41 25.30 6.46
N MET A 153 32.22 24.95 6.93
CA MET A 153 31.41 23.86 6.43
C MET A 153 30.85 24.08 5.00
N ILE A 154 31.07 25.24 4.36
CA ILE A 154 30.68 25.38 2.94
C ILE A 154 31.64 24.53 2.06
N ASP A 155 32.83 24.16 2.61
CA ASP A 155 33.82 23.35 1.91
C ASP A 155 33.82 21.91 2.44
N ASN A 156 32.77 21.55 3.16
CA ASN A 156 32.56 20.22 3.70
C ASN A 156 32.27 19.27 2.57
N GLU A 157 32.66 18.00 2.71
CA GLU A 157 32.44 17.00 1.66
C GLU A 157 30.99 16.54 1.53
N ASN A 158 30.15 16.78 2.55
CA ASN A 158 28.74 16.38 2.58
C ASN A 158 27.87 17.51 2.01
N ASP A 159 27.01 17.16 1.03
CA ASP A 159 26.14 18.10 0.36
C ASP A 159 25.08 18.67 1.28
N GLY A 160 24.54 17.83 2.18
CA GLY A 160 23.55 18.23 3.18
C GLY A 160 24.10 19.24 4.15
N ILE A 161 25.36 19.03 4.60
CA ILE A 161 26.06 19.94 5.51
C ILE A 161 26.22 21.28 4.83
N ARG A 162 26.71 21.27 3.58
CA ARG A 162 26.91 22.49 2.79
C ARG A 162 25.61 23.31 2.65
N THR A 163 24.48 22.63 2.34
CA THR A 163 23.15 23.25 2.18
C THR A 163 22.72 23.95 3.48
N ASN A 164 22.90 23.29 4.63
CA ASN A 164 22.53 23.84 5.93
C ASN A 164 23.43 25.03 6.25
N ALA A 165 24.74 24.89 5.98
CA ALA A 165 25.71 25.96 6.24
C ALA A 165 25.33 27.21 5.46
N ILE A 166 24.99 27.11 4.14
CA ILE A 166 24.54 28.23 3.29
C ILE A 166 23.35 28.97 3.93
N LYS A 167 22.35 28.21 4.42
CA LYS A 167 21.15 28.74 5.06
C LYS A 167 21.46 29.49 6.35
N PHE A 168 22.39 28.98 7.13
CA PHE A 168 22.80 29.63 8.37
C PHE A 168 23.46 30.95 8.07
N LEU A 169 24.39 30.99 7.12
CA LEU A 169 25.14 32.20 6.74
C LEU A 169 24.24 33.35 6.25
N GLU A 170 23.11 33.02 5.61
CA GLU A 170 22.08 33.93 5.12
C GLU A 170 21.53 34.81 6.27
N GLY A 171 21.19 34.21 7.41
CA GLY A 171 20.68 34.91 8.59
C GLY A 171 21.71 35.83 9.22
N VAL A 172 22.98 35.39 9.25
CA VAL A 172 24.08 36.16 9.81
C VAL A 172 24.24 37.46 9.03
N VAL A 173 24.35 37.38 7.66
CA VAL A 173 24.46 38.55 6.76
C VAL A 173 23.31 39.53 7.03
N VAL A 174 22.07 39.01 7.12
CA VAL A 174 20.85 39.80 7.38
C VAL A 174 20.92 40.49 8.75
N LEU A 175 21.40 39.79 9.78
CA LEU A 175 21.51 40.37 11.13
C LEU A 175 22.62 41.40 11.18
N GLN A 176 23.76 41.09 10.48
CA GLN A 176 24.96 41.89 10.51
C GLN A 176 25.06 42.86 9.32
N SER A 177 23.95 43.54 9.08
CA SER A 177 23.78 44.63 8.11
C SER A 177 22.64 45.53 8.60
N PHE A 178 22.47 46.69 7.95
CA PHE A 178 21.42 47.64 8.34
C PHE A 178 20.21 47.57 7.42
N ALA A 179 19.03 47.55 8.03
CA ALA A 179 17.76 47.62 7.34
C ALA A 179 17.58 49.06 6.84
N ASP A 180 16.62 49.28 5.93
CA ASP A 180 16.33 50.60 5.40
C ASP A 180 14.84 50.67 5.01
N GLU A 181 14.48 51.74 4.26
CA GLU A 181 13.12 51.99 3.80
C GLU A 181 12.64 50.91 2.81
N ASP A 182 13.56 50.46 1.93
CA ASP A 182 13.29 49.46 0.88
C ASP A 182 13.29 48.00 1.40
N SER A 183 13.76 47.73 2.63
CA SER A 183 13.75 46.40 3.26
C SER A 183 12.34 45.84 3.35
N LEU A 184 12.17 44.53 3.06
CA LEU A 184 10.87 43.86 3.17
C LEU A 184 10.42 43.86 4.62
N LYS A 185 9.14 44.20 4.85
CA LYS A 185 8.57 44.21 6.20
C LYS A 185 8.41 42.77 6.68
N ARG A 186 9.20 42.43 7.68
CA ARG A 186 9.23 41.12 8.34
C ARG A 186 9.11 41.37 9.84
N ASP A 187 8.18 40.69 10.49
CA ASP A 187 7.84 40.89 11.90
C ASP A 187 9.04 40.87 12.89
N GLY A 188 9.79 39.78 12.94
CA GLY A 188 10.88 39.70 13.91
C GLY A 188 12.22 40.16 13.40
N ASP A 189 12.22 41.04 12.39
CA ASP A 189 13.44 41.53 11.77
C ASP A 189 14.33 42.29 12.75
N PHE A 190 15.61 41.89 12.80
CA PHE A 190 16.66 42.49 13.60
C PHE A 190 17.85 42.79 12.69
N SER A 191 18.37 44.01 12.78
CA SER A 191 19.53 44.48 12.01
C SER A 191 20.53 45.14 12.95
N LEU A 192 21.64 45.68 12.39
CA LEU A 192 22.68 46.38 13.16
C LEU A 192 22.13 47.71 13.73
N ALA A 193 21.01 48.22 13.17
CA ALA A 193 20.30 49.41 13.64
C ALA A 193 19.71 49.16 15.02
N ASP A 194 19.37 47.89 15.32
CA ASP A 194 18.80 47.41 16.57
C ASP A 194 19.87 47.06 17.61
N VAL A 195 21.16 47.17 17.23
CA VAL A 195 22.30 46.92 18.12
C VAL A 195 22.67 48.27 18.77
N PRO A 196 22.62 48.37 20.13
CA PRO A 196 22.88 49.67 20.78
C PRO A 196 24.35 50.09 20.77
N ASP A 197 24.57 51.42 20.92
CA ASP A 197 25.90 52.04 21.01
C ASP A 197 26.51 51.76 22.39
N HIS A 198 25.63 51.56 23.41
CA HIS A 198 26.02 51.24 24.79
C HIS A 198 26.62 49.82 24.91
N CYS A 199 26.55 49.00 23.83
CA CYS A 199 27.05 47.61 23.82
C CYS A 199 28.58 47.62 23.72
N THR A 200 29.24 46.99 24.71
CA THR A 200 30.69 46.89 24.86
C THR A 200 31.23 45.59 24.27
N LEU A 201 30.40 44.52 24.27
CA LEU A 201 30.70 43.15 23.81
C LEU A 201 31.25 43.06 22.39
N PHE A 202 30.76 43.93 21.49
CA PHE A 202 31.14 43.96 20.07
C PHE A 202 30.81 45.32 19.46
N ARG A 203 31.44 45.61 18.31
CA ARG A 203 31.23 46.84 17.56
C ARG A 203 30.42 46.60 16.27
N ARG A 204 29.44 47.49 16.00
CA ARG A 204 28.56 47.49 14.83
C ARG A 204 29.34 47.43 13.51
N GLU A 205 30.44 48.20 13.41
CA GLU A 205 31.31 48.26 12.24
C GLU A 205 32.00 46.92 11.97
N LYS A 206 32.45 46.22 13.02
CA LYS A 206 33.14 44.93 12.92
C LYS A 206 32.19 43.82 12.45
N LEU A 207 30.92 43.81 12.96
CA LEU A 207 29.90 42.85 12.55
C LEU A 207 29.51 43.07 11.09
N GLN A 208 29.43 44.34 10.68
CA GLN A 208 29.13 44.74 9.29
C GLN A 208 30.25 44.24 8.36
N GLU A 209 31.51 44.40 8.81
CA GLU A 209 32.68 43.95 8.08
C GLU A 209 32.60 42.42 7.86
N GLU A 210 32.25 41.66 8.92
CA GLU A 210 32.08 40.20 8.87
C GLU A 210 30.91 39.79 7.93
N GLY A 211 29.77 40.47 8.06
CA GLY A 211 28.59 40.27 7.24
C GLY A 211 28.89 40.44 5.75
N ASN A 212 29.68 41.48 5.42
CA ASN A 212 30.15 41.78 4.06
C ASN A 212 31.10 40.70 3.55
N ASN A 213 31.93 40.11 4.44
CA ASN A 213 32.88 39.04 4.10
C ASN A 213 32.15 37.73 3.85
N ILE A 214 31.08 37.45 4.63
CA ILE A 214 30.28 36.25 4.46
C ILE A 214 29.50 36.37 3.15
N LEU A 215 28.96 37.58 2.85
CA LEU A 215 28.26 37.79 1.58
C LEU A 215 29.20 37.60 0.39
N ASP A 216 30.42 38.16 0.46
CA ASP A 216 31.45 38.01 -0.58
C ASP A 216 31.75 36.55 -0.85
N ILE A 217 31.81 35.73 0.22
CA ILE A 217 32.06 34.30 0.15
C ILE A 217 30.85 33.61 -0.53
N LEU A 218 29.62 33.99 -0.17
CA LEU A 218 28.43 33.40 -0.79
C LEU A 218 28.36 33.75 -2.27
N LEU A 219 28.66 35.00 -2.63
CA LEU A 219 28.67 35.48 -4.03
C LEU A 219 29.67 34.70 -4.89
N GLN A 220 30.86 34.43 -4.33
CA GLN A 220 31.92 33.65 -5.01
C GLN A 220 31.53 32.20 -5.12
N PHE A 221 30.95 31.64 -4.04
CA PHE A 221 30.52 30.24 -3.97
C PHE A 221 29.47 29.96 -5.05
N HIS A 222 28.53 30.89 -5.21
CA HIS A 222 27.44 30.89 -6.17
C HIS A 222 27.94 30.86 -7.61
N GLY A 223 29.13 31.40 -7.86
CA GLY A 223 29.68 31.50 -9.21
C GLY A 223 30.67 30.44 -9.62
N THR A 224 30.88 29.41 -8.78
CA THR A 224 31.82 28.31 -9.05
C THR A 224 31.24 27.36 -10.10
N THR A 225 32.13 26.63 -10.78
CA THR A 225 31.83 25.77 -11.92
C THR A 225 31.46 24.33 -11.52
N HIS A 226 31.81 23.90 -10.29
CA HIS A 226 31.52 22.53 -9.87
C HIS A 226 30.62 22.45 -8.64
N ILE A 227 29.78 23.45 -8.44
CA ILE A 227 28.78 23.51 -7.36
C ILE A 227 27.62 22.52 -7.67
N SER A 228 27.08 21.84 -6.64
CA SER A 228 25.96 20.90 -6.81
C SER A 228 24.68 21.70 -7.11
N SER A 229 23.69 21.05 -7.74
CA SER A 229 22.42 21.71 -8.07
C SER A 229 21.70 22.17 -6.79
N VAL A 230 21.72 21.34 -5.71
CA VAL A 230 21.04 21.66 -4.45
C VAL A 230 21.72 22.88 -3.78
N ASN A 231 23.05 22.88 -3.72
CA ASN A 231 23.82 23.99 -3.14
C ASN A 231 23.63 25.29 -3.93
N LEU A 232 23.57 25.20 -5.26
CA LEU A 232 23.34 26.35 -6.13
C LEU A 232 21.93 26.94 -5.92
N ILE A 233 20.89 26.10 -5.87
CA ILE A 233 19.53 26.57 -5.63
C ILE A 233 19.44 27.20 -4.24
N ALA A 234 19.98 26.50 -3.21
CA ALA A 234 20.00 27.03 -1.84
C ALA A 234 20.73 28.38 -1.78
N CYS A 235 21.87 28.52 -2.46
CA CYS A 235 22.66 29.76 -2.45
C CYS A 235 21.92 30.90 -3.17
N THR A 236 21.22 30.59 -4.27
CA THR A 236 20.47 31.55 -5.05
C THR A 236 19.32 32.11 -4.20
N SER A 237 18.63 31.26 -3.44
CA SER A 237 17.52 31.76 -2.62
C SER A 237 18.03 32.55 -1.41
N SER A 238 19.18 32.15 -0.86
CA SER A 238 19.79 32.85 0.27
C SER A 238 20.25 34.23 -0.14
N LEU A 239 20.79 34.38 -1.37
CA LEU A 239 21.19 35.67 -1.92
C LEU A 239 19.93 36.55 -2.15
N CYS A 240 18.81 35.93 -2.56
CA CYS A 240 17.54 36.62 -2.78
C CYS A 240 17.00 37.18 -1.45
N THR A 241 16.96 36.34 -0.39
CA THR A 241 16.53 36.75 0.95
C THR A 241 17.38 37.93 1.43
N ILE A 242 18.70 37.85 1.31
CA ILE A 242 19.63 38.90 1.71
C ILE A 242 19.32 40.20 0.97
N ALA A 243 19.21 40.18 -0.38
CA ALA A 243 18.92 41.40 -1.16
C ALA A 243 17.52 41.99 -0.85
N LYS A 244 16.48 41.17 -0.61
CA LYS A 244 15.14 41.73 -0.35
C LYS A 244 15.07 42.29 1.08
N MET A 245 15.86 41.70 2.00
CA MET A 245 15.90 42.12 3.39
C MET A 245 16.80 43.31 3.53
N ARG A 246 17.90 43.31 2.79
CA ARG A 246 18.94 44.35 2.85
C ARG A 246 19.26 44.85 1.43
N PRO A 247 18.38 45.72 0.86
CA PRO A 247 18.54 46.16 -0.54
C PRO A 247 19.85 46.89 -0.87
N ILE A 248 20.73 47.15 0.12
CA ILE A 248 22.04 47.73 -0.15
C ILE A 248 22.86 46.74 -1.05
N PHE A 249 22.59 45.41 -0.89
CA PHE A 249 23.23 44.27 -1.58
C PHE A 249 22.59 43.89 -2.92
N MET A 250 21.50 44.57 -3.29
CA MET A 250 20.72 44.33 -4.50
C MET A 250 21.56 44.26 -5.79
N GLY A 251 22.45 45.24 -6.00
CA GLY A 251 23.28 45.30 -7.19
C GLY A 251 24.19 44.10 -7.34
N ALA A 252 24.76 43.67 -6.23
CA ALA A 252 25.69 42.54 -6.12
C ALA A 252 24.98 41.23 -6.47
N VAL A 253 23.79 41.03 -5.90
CA VAL A 253 22.97 39.83 -6.07
C VAL A 253 22.43 39.76 -7.52
N VAL A 254 21.98 40.90 -8.08
CA VAL A 254 21.49 40.97 -9.47
C VAL A 254 22.65 40.60 -10.43
N GLU A 255 23.88 41.07 -10.15
CA GLU A 255 25.06 40.75 -10.95
C GLU A 255 25.41 39.25 -10.88
N ALA A 256 25.35 38.67 -9.67
CA ALA A 256 25.58 37.24 -9.46
C ALA A 256 24.57 36.42 -10.26
N PHE A 257 23.29 36.83 -10.25
CA PHE A 257 22.21 36.15 -10.97
C PHE A 257 22.43 36.27 -12.48
N LYS A 258 22.84 37.46 -12.96
CA LYS A 258 23.13 37.73 -14.36
C LYS A 258 24.30 36.84 -14.82
N GLN A 259 25.37 36.77 -14.05
CA GLN A 259 26.52 35.93 -14.36
C GLN A 259 26.15 34.44 -14.38
N LEU A 260 25.30 33.98 -13.41
CA LEU A 260 24.86 32.58 -13.37
C LEU A 260 24.09 32.24 -14.62
N ASN A 261 23.07 33.04 -14.99
CA ASN A 261 22.25 32.71 -16.16
C ASN A 261 23.08 32.62 -17.46
N ALA A 262 24.15 33.41 -17.55
CA ALA A 262 25.06 33.43 -18.69
C ALA A 262 26.07 32.27 -18.66
N ASN A 263 26.34 31.71 -17.47
CA ASN A 263 27.33 30.63 -17.34
C ASN A 263 26.85 29.55 -16.38
N LEU A 264 25.92 28.67 -16.82
CA LEU A 264 25.46 27.53 -16.01
C LEU A 264 26.60 26.53 -15.81
N PRO A 265 26.93 26.09 -14.55
CA PRO A 265 28.01 25.10 -14.35
C PRO A 265 27.87 23.88 -15.29
N PRO A 266 28.98 23.46 -15.95
CA PRO A 266 28.88 22.31 -16.88
C PRO A 266 28.61 20.98 -16.19
N THR A 267 28.64 20.99 -14.83
CA THR A 267 28.39 19.83 -13.96
C THR A 267 26.88 19.62 -13.80
N LEU A 268 26.08 20.62 -14.16
CA LEU A 268 24.62 20.45 -14.08
C LEU A 268 24.09 19.61 -15.24
N THR A 269 23.19 18.71 -14.90
CA THR A 269 22.43 17.82 -15.76
C THR A 269 21.34 18.69 -16.40
N ASP A 270 20.66 18.19 -17.44
CA ASP A 270 19.61 18.93 -18.13
C ASP A 270 18.44 19.28 -17.18
N SER A 271 18.06 18.34 -16.31
CA SER A 271 17.01 18.48 -15.29
C SER A 271 17.41 19.48 -14.24
N GLN A 272 18.71 19.42 -13.82
CA GLN A 272 19.30 20.31 -12.83
C GLN A 272 19.28 21.74 -13.37
N VAL A 273 19.59 21.93 -14.67
CA VAL A 273 19.55 23.25 -15.34
C VAL A 273 18.12 23.80 -15.24
N SER A 274 17.11 23.01 -15.66
CA SER A 274 15.71 23.41 -15.60
C SER A 274 15.30 23.75 -14.17
N SER A 275 15.70 22.93 -13.19
CA SER A 275 15.41 23.15 -11.77
C SER A 275 16.07 24.46 -11.27
N VAL A 276 17.35 24.68 -11.61
CA VAL A 276 18.11 25.86 -11.21
C VAL A 276 17.49 27.12 -11.85
N ARG A 277 17.10 27.05 -13.14
CA ARG A 277 16.52 28.19 -13.87
C ARG A 277 15.11 28.54 -13.38
N LYS A 278 14.34 27.53 -12.96
CA LYS A 278 12.98 27.75 -12.45
C LYS A 278 13.07 28.49 -11.14
N SER A 279 14.05 28.12 -10.30
CA SER A 279 14.27 28.77 -9.00
C SER A 279 14.79 30.17 -9.20
N LEU A 280 15.73 30.36 -10.14
CA LEU A 280 16.32 31.67 -10.49
C LEU A 280 15.23 32.65 -10.94
N LYS A 281 14.30 32.19 -11.80
CA LYS A 281 13.14 32.95 -12.26
C LYS A 281 12.30 33.44 -11.06
N MET A 282 12.00 32.56 -10.08
CA MET A 282 11.23 32.91 -8.89
C MET A 282 11.92 33.94 -8.03
N GLN A 283 13.24 33.80 -7.84
CA GLN A 283 14.03 34.74 -7.07
C GLN A 283 14.00 36.10 -7.73
N LEU A 284 14.19 36.14 -9.06
CA LEU A 284 14.17 37.41 -9.81
C LEU A 284 12.81 38.09 -9.71
N GLN A 285 11.70 37.30 -9.75
CA GLN A 285 10.33 37.85 -9.63
C GLN A 285 10.15 38.54 -8.28
N THR A 286 10.62 37.87 -7.20
CA THR A 286 10.60 38.34 -5.82
C THR A 286 11.37 39.66 -5.67
N LEU A 287 12.58 39.74 -6.25
CA LEU A 287 13.45 40.93 -6.17
C LEU A 287 12.85 42.11 -6.92
N LEU A 288 12.21 41.86 -8.06
CA LEU A 288 11.59 42.92 -8.87
C LEU A 288 10.46 43.61 -8.08
N LYS A 289 9.81 42.89 -7.14
CA LYS A 289 8.75 43.42 -6.28
C LYS A 289 9.30 44.40 -5.22
N ASN A 290 10.61 44.31 -4.87
CA ASN A 290 11.25 45.21 -3.93
C ASN A 290 11.48 46.62 -4.54
N ARG A 291 11.13 47.69 -3.79
CA ARG A 291 11.29 49.10 -4.24
C ARG A 291 12.77 49.43 -4.50
N GLY A 292 13.68 48.76 -3.76
CA GLY A 292 15.13 48.90 -3.88
C GLY A 292 15.74 48.31 -5.16
N ALA A 293 14.97 47.51 -5.90
CA ALA A 293 15.41 46.94 -7.18
C ALA A 293 15.21 47.94 -8.36
N PHE A 294 14.69 49.18 -8.06
CA PHE A 294 14.40 50.27 -9.01
C PHE A 294 15.50 50.43 -10.09
N GLU A 295 16.75 50.60 -9.67
CA GLU A 295 17.90 50.76 -10.56
C GLU A 295 18.13 49.56 -11.49
N PHE A 296 17.73 48.36 -11.04
CA PHE A 296 18.05 47.09 -11.73
C PHE A 296 16.85 46.49 -12.44
N ALA A 297 15.73 47.22 -12.48
CA ALA A 297 14.48 46.81 -13.08
C ALA A 297 14.65 46.27 -14.53
N SER A 298 15.45 46.96 -15.37
CA SER A 298 15.67 46.57 -16.77
C SER A 298 16.54 45.32 -16.89
N THR A 299 17.58 45.21 -16.05
CA THR A 299 18.45 44.02 -15.99
C THR A 299 17.59 42.80 -15.59
N ILE A 300 16.79 42.94 -14.50
CA ILE A 300 15.92 41.87 -13.98
C ILE A 300 14.94 41.46 -15.11
N ARG A 301 14.31 42.44 -15.79
CA ARG A 301 13.40 42.21 -16.92
C ARG A 301 14.10 41.39 -18.01
N GLY A 302 15.33 41.80 -18.37
CA GLY A 302 16.14 41.10 -19.37
C GLY A 302 16.26 39.61 -19.11
N MET A 303 16.62 39.27 -17.87
CA MET A 303 16.80 37.89 -17.41
C MET A 303 15.49 37.12 -17.38
N LEU A 304 14.40 37.76 -16.92
CA LEU A 304 13.08 37.14 -16.87
C LEU A 304 12.57 36.84 -18.27
N VAL A 305 12.92 37.70 -19.26
CA VAL A 305 12.56 37.45 -20.65
C VAL A 305 13.37 36.22 -21.13
N ASP A 306 14.67 36.14 -20.80
CA ASP A 306 15.53 34.97 -21.12
C ASP A 306 14.99 33.67 -20.49
N LEU A 307 14.32 33.79 -19.32
CA LEU A 307 13.77 32.66 -18.56
C LEU A 307 12.28 32.40 -18.88
N GLY A 308 11.79 33.01 -19.94
CA GLY A 308 10.45 32.77 -20.45
C GLY A 308 9.27 33.55 -19.91
N SER A 309 9.50 34.57 -19.08
CA SER A 309 8.38 35.40 -18.60
C SER A 309 7.85 36.30 -19.73
N SER A 310 6.54 36.60 -19.73
CA SER A 310 5.98 37.50 -20.73
C SER A 310 6.17 38.96 -20.26
N THR A 311 6.05 39.91 -21.20
CA THR A 311 6.14 41.34 -20.95
C THR A 311 5.18 41.74 -19.86
N ASN A 312 3.95 41.24 -19.92
CA ASN A 312 2.88 41.57 -18.98
C ASN A 312 3.07 40.92 -17.63
N GLU A 313 3.66 39.71 -17.56
CA GLU A 313 3.97 39.06 -16.27
C GLU A 313 5.00 39.88 -15.51
N ILE A 314 6.08 40.32 -16.20
CA ILE A 314 7.15 41.15 -15.62
C ILE A 314 6.61 42.54 -15.19
N GLN A 315 5.84 43.17 -16.09
CA GLN A 315 5.28 44.49 -15.88
C GLN A 315 4.46 44.56 -14.59
N LYS A 316 3.61 43.53 -14.32
CA LYS A 316 2.75 43.45 -13.12
C LYS A 316 3.55 43.39 -11.81
N LEU A 317 4.80 42.92 -11.84
CA LEU A 317 5.65 42.81 -10.67
C LEU A 317 6.26 44.14 -10.21
N ILE A 318 6.51 45.09 -11.14
CA ILE A 318 7.14 46.38 -10.82
C ILE A 318 6.24 47.23 -9.88
N PRO A 319 6.77 47.62 -8.69
CA PRO A 319 5.96 48.45 -7.78
C PRO A 319 5.69 49.84 -8.34
N LYS A 320 4.46 50.35 -8.07
CA LYS A 320 4.00 51.68 -8.48
C LYS A 320 4.72 52.73 -7.64
N MET A 321 5.34 53.71 -8.27
CA MET A 321 6.06 54.75 -7.56
C MET A 321 5.63 56.15 -7.97
N ASP A 322 5.57 57.07 -7.01
CA ASP A 322 5.21 58.44 -7.36
C ASP A 322 6.47 59.10 -7.94
N LYS A 323 6.29 60.13 -8.78
CA LYS A 323 7.37 60.83 -9.49
C LYS A 323 8.35 61.53 -8.53
N GLN A 324 7.86 61.98 -7.38
CA GLN A 324 8.66 62.61 -6.34
C GLN A 324 9.61 61.55 -5.73
N GLU A 325 9.14 60.30 -5.55
CA GLU A 325 9.96 59.19 -5.06
C GLU A 325 11.03 58.79 -6.11
N MET A 326 10.63 58.64 -7.37
CA MET A 326 11.51 58.29 -8.49
C MET A 326 12.63 59.27 -8.66
N ALA A 327 12.32 60.59 -8.59
CA ALA A 327 13.27 61.68 -8.73
C ALA A 327 14.35 61.60 -7.66
N ARG A 328 13.95 61.24 -6.41
CA ARG A 328 14.87 61.07 -5.28
C ARG A 328 15.86 59.94 -5.57
N ARG A 329 15.35 58.82 -6.13
CA ARG A 329 16.11 57.64 -6.50
C ARG A 329 16.96 57.88 -7.73
N GLN A 330 16.36 58.43 -8.83
CA GLN A 330 17.01 58.76 -10.12
C GLN A 330 18.21 59.70 -9.94
N LYS A 331 18.14 60.61 -8.92
CA LYS A 331 19.19 61.56 -8.55
C LYS A 331 20.22 60.91 -7.62
N ARG A 332 19.79 60.03 -6.68
CA ARG A 332 20.69 59.30 -5.78
C ARG A 332 21.60 58.33 -6.58
N ILE A 333 21.04 57.70 -7.64
CA ILE A 333 21.73 56.78 -8.54
C ILE A 333 22.74 57.59 -9.40
N LEU A 334 22.36 58.82 -9.82
CA LEU A 334 23.21 59.73 -10.61
C LEU A 334 24.42 60.24 -9.80
N GLU A 335 24.22 60.60 -8.51
CA GLU A 335 25.28 61.12 -7.65
C GLU A 335 26.26 60.02 -7.19
N ASN A 336 25.78 58.77 -7.02
CA ASN A 336 26.62 57.65 -6.58
C ASN A 336 27.56 57.16 -7.70
N ALA A 337 27.15 57.31 -8.98
CA ALA A 337 27.91 56.91 -10.17
C ALA A 337 29.14 57.82 -10.40
N ALA A 338 29.08 59.07 -9.90
CA ALA A 338 30.15 60.07 -10.02
C ALA A 338 31.10 60.04 -8.79
N PRO B 9 9.93 1.61 6.18
CA PRO B 9 11.25 0.96 6.28
C PRO B 9 12.27 1.91 6.92
N SER B 10 12.47 3.10 6.29
CA SER B 10 13.37 4.16 6.74
C SER B 10 12.59 5.14 7.65
N LYS B 11 13.27 6.20 8.14
CA LYS B 11 12.64 7.21 8.98
C LYS B 11 12.31 8.48 8.15
N LEU B 12 11.92 8.27 6.87
CA LEU B 12 11.60 9.36 5.93
C LEU B 12 10.17 9.80 6.03
N ALA B 13 9.97 11.10 6.24
CA ALA B 13 8.65 11.71 6.23
C ALA B 13 8.40 12.20 4.78
N VAL B 14 7.46 11.55 4.07
CA VAL B 14 7.14 11.80 2.67
C VAL B 14 5.74 12.43 2.52
N ALA B 15 5.60 13.40 1.58
CA ALA B 15 4.30 13.98 1.22
C ALA B 15 4.12 13.94 -0.29
N VAL B 16 2.93 13.53 -0.75
CA VAL B 16 2.58 13.48 -2.18
C VAL B 16 1.55 14.58 -2.41
N VAL B 17 1.84 15.50 -3.35
CA VAL B 17 0.97 16.64 -3.59
C VAL B 17 0.47 16.65 -5.05
N ASP B 18 -0.83 16.98 -5.21
CA ASP B 18 -1.53 17.11 -6.49
C ASP B 18 -2.46 18.31 -6.44
N SER B 19 -3.43 18.38 -7.38
CA SER B 19 -4.37 19.49 -7.41
C SER B 19 -5.49 19.33 -6.37
N SER B 20 -6.29 18.25 -6.43
CA SER B 20 -7.47 18.11 -5.55
C SER B 20 -7.30 17.29 -4.26
N ASN B 21 -6.31 16.36 -4.23
CA ASN B 21 -6.04 15.38 -3.15
C ASN B 21 -7.16 14.32 -3.25
N MET B 22 -7.34 13.80 -4.48
CA MET B 22 -8.38 12.84 -4.80
C MET B 22 -7.86 11.63 -5.55
N ASN B 23 -7.25 11.83 -6.73
CA ASN B 23 -6.84 10.73 -7.59
C ASN B 23 -5.33 10.37 -7.49
N ARG B 24 -4.44 11.28 -7.94
CA ARG B 24 -3.01 10.99 -8.08
C ARG B 24 -2.27 10.85 -6.73
N SER B 25 -2.44 11.83 -5.78
CA SER B 25 -1.77 11.75 -4.49
C SER B 25 -2.23 10.55 -3.67
N MET B 26 -3.54 10.22 -3.76
CA MET B 26 -4.16 9.14 -3.01
C MET B 26 -3.74 7.77 -3.52
N GLU B 27 -3.50 7.63 -4.84
CA GLU B 27 -3.00 6.38 -5.41
C GLU B 27 -1.57 6.11 -4.93
N ALA B 28 -0.76 7.18 -4.84
CA ALA B 28 0.63 7.10 -4.34
C ALA B 28 0.62 6.93 -2.81
N HIS B 29 -0.26 7.64 -2.08
CA HIS B 29 -0.43 7.58 -0.62
C HIS B 29 -0.70 6.14 -0.21
N ASN B 30 -1.69 5.51 -0.86
CA ASN B 30 -2.10 4.14 -0.65
C ASN B 30 -0.91 3.17 -0.82
N PHE B 31 -0.20 3.22 -1.95
CA PHE B 31 0.93 2.32 -2.20
C PHE B 31 2.14 2.58 -1.28
N LEU B 32 2.46 3.86 -0.95
CA LEU B 32 3.57 4.18 -0.05
C LEU B 32 3.27 3.73 1.39
N ALA B 33 2.01 3.92 1.87
CA ALA B 33 1.57 3.49 3.20
C ALA B 33 1.72 1.96 3.34
N LYS B 34 1.35 1.22 2.28
CA LYS B 34 1.45 -0.24 2.19
C LYS B 34 2.91 -0.70 2.15
N LYS B 35 3.85 0.22 1.86
CA LYS B 35 5.27 -0.10 1.83
C LYS B 35 5.90 0.27 3.17
N GLY B 36 5.09 0.81 4.07
CA GLY B 36 5.48 1.16 5.43
C GLY B 36 6.06 2.55 5.63
N PHE B 37 5.87 3.45 4.64
CA PHE B 37 6.38 4.81 4.73
C PHE B 37 5.47 5.71 5.55
N ASN B 38 6.09 6.66 6.28
CA ASN B 38 5.42 7.75 7.00
C ASN B 38 4.99 8.76 5.90
N VAL B 39 3.81 8.51 5.28
CA VAL B 39 3.30 9.29 4.16
C VAL B 39 2.07 10.11 4.53
N ARG B 40 2.00 11.32 3.98
CA ARG B 40 0.89 12.26 4.04
C ARG B 40 0.62 12.77 2.63
N SER B 41 -0.60 13.21 2.33
CA SER B 41 -0.90 13.69 0.97
C SER B 41 -1.69 14.98 1.06
N TYR B 42 -1.55 15.84 0.04
CA TYR B 42 -2.22 17.15 -0.02
C TYR B 42 -2.59 17.54 -1.43
N GLY B 43 -3.43 18.56 -1.52
CA GLY B 43 -3.87 19.16 -2.77
C GLY B 43 -3.45 20.61 -2.75
N THR B 44 -3.11 21.17 -3.93
CA THR B 44 -2.64 22.56 -4.04
C THR B 44 -3.74 23.55 -4.47
N GLY B 45 -4.87 23.04 -4.95
CA GLY B 45 -6.00 23.86 -5.41
C GLY B 45 -6.68 24.67 -4.31
N GLU B 46 -7.57 25.59 -4.72
CA GLU B 46 -8.32 26.43 -3.78
C GLU B 46 -9.44 25.60 -3.12
N ARG B 47 -10.07 24.74 -3.94
CA ARG B 47 -11.14 23.82 -3.57
C ARG B 47 -10.94 22.47 -4.28
N VAL B 48 -11.62 21.42 -3.78
CA VAL B 48 -11.54 20.06 -4.32
C VAL B 48 -12.42 19.95 -5.57
N LYS B 49 -11.80 19.66 -6.73
CA LYS B 49 -12.50 19.56 -8.01
C LYS B 49 -12.53 18.13 -8.56
N LEU B 50 -13.77 17.62 -8.78
CA LEU B 50 -14.09 16.30 -9.33
C LEU B 50 -14.85 16.42 -10.66
N PRO B 51 -14.66 15.51 -11.64
CA PRO B 51 -15.40 15.65 -12.92
C PRO B 51 -16.91 15.42 -12.76
N ALA B 54 -20.22 17.31 -17.52
CA ALA B 54 -19.72 18.25 -18.52
C ALA B 54 -18.39 18.89 -18.07
N PHE B 55 -17.59 19.37 -19.04
CA PHE B 55 -16.30 20.03 -18.82
C PHE B 55 -16.46 21.30 -17.98
N ASP B 56 -17.53 22.08 -18.24
CA ASP B 56 -17.82 23.32 -17.54
C ASP B 56 -18.64 23.07 -16.26
N LYS B 57 -19.08 21.82 -16.04
CA LYS B 57 -19.90 21.46 -14.89
C LYS B 57 -19.17 20.43 -13.97
N PRO B 58 -18.30 20.89 -13.03
CA PRO B 58 -17.59 19.95 -12.15
C PRO B 58 -18.22 19.83 -10.75
N ASN B 59 -17.68 18.91 -9.93
CA ASN B 59 -18.14 18.73 -8.56
C ASN B 59 -17.11 19.37 -7.63
N VAL B 60 -17.48 20.55 -7.09
CA VAL B 60 -16.60 21.38 -6.27
C VAL B 60 -16.98 21.27 -4.78
N TYR B 61 -15.97 21.06 -3.91
CA TYR B 61 -16.07 20.92 -2.45
C TYR B 61 -14.93 21.66 -1.76
N GLU B 62 -15.18 22.16 -0.54
CA GLU B 62 -14.14 22.85 0.23
C GLU B 62 -13.17 21.84 0.83
N PHE B 63 -11.91 22.26 1.09
CA PHE B 63 -10.91 21.41 1.72
C PHE B 63 -11.28 21.28 3.21
N GLY B 64 -11.39 20.04 3.67
CA GLY B 64 -11.80 19.69 5.03
C GLY B 64 -13.12 18.96 5.05
N THR B 65 -13.73 18.78 3.86
CA THR B 65 -14.98 18.07 3.61
C THR B 65 -14.68 16.60 3.51
N LYS B 66 -15.27 15.80 4.42
CA LYS B 66 -15.10 14.35 4.53
C LYS B 66 -15.30 13.61 3.21
N TYR B 67 -14.46 12.59 2.93
CA TYR B 67 -14.54 11.76 1.72
C TYR B 67 -15.88 11.01 1.67
N GLU B 68 -16.39 10.61 2.86
CA GLU B 68 -17.68 9.93 3.07
C GLU B 68 -18.83 10.81 2.60
N ASP B 69 -18.82 12.10 2.98
CA ASP B 69 -19.85 13.06 2.62
C ASP B 69 -19.87 13.29 1.10
N ILE B 70 -18.69 13.30 0.45
CA ILE B 70 -18.56 13.47 -1.01
C ILE B 70 -19.09 12.20 -1.72
N TYR B 71 -18.89 11.02 -1.10
CA TYR B 71 -19.39 9.74 -1.60
C TYR B 71 -20.92 9.74 -1.63
N ARG B 72 -21.56 10.08 -0.48
CA ARG B 72 -23.02 10.14 -0.29
C ARG B 72 -23.66 11.33 -1.05
N ASP B 73 -22.87 12.38 -1.39
CA ASP B 73 -23.34 13.52 -2.19
C ASP B 73 -23.50 13.09 -3.65
N LEU B 74 -22.49 12.41 -4.23
CA LEU B 74 -22.49 11.94 -5.62
C LEU B 74 -23.36 10.68 -5.78
N GLU B 75 -23.69 10.01 -4.65
CA GLU B 75 -24.57 8.84 -4.60
C GLU B 75 -26.02 9.32 -4.80
N SER B 76 -26.45 10.34 -4.03
CA SER B 76 -27.78 10.95 -4.08
C SER B 76 -27.97 11.75 -5.39
N LYS B 77 -26.88 12.26 -5.98
CA LYS B 77 -26.90 12.99 -7.24
C LYS B 77 -27.24 12.02 -8.37
N ASP B 78 -26.37 11.00 -8.57
CA ASP B 78 -26.54 9.92 -9.53
C ASP B 78 -25.62 8.77 -9.16
N LYS B 79 -26.20 7.76 -8.51
CA LYS B 79 -25.50 6.56 -8.04
C LYS B 79 -24.99 5.69 -9.21
N GLU B 80 -25.75 5.59 -10.31
CA GLU B 80 -25.38 4.77 -11.47
C GLU B 80 -24.22 5.38 -12.26
N PHE B 81 -24.31 6.68 -12.64
CA PHE B 81 -23.29 7.40 -13.43
C PHE B 81 -21.93 7.46 -12.70
N TYR B 82 -21.94 7.74 -11.39
CA TYR B 82 -20.72 7.87 -10.59
C TYR B 82 -20.12 6.51 -10.17
N THR B 83 -20.73 5.40 -10.63
CA THR B 83 -20.24 4.03 -10.44
C THR B 83 -19.54 3.62 -11.74
N GLN B 84 -20.08 4.08 -12.89
CA GLN B 84 -19.55 3.79 -14.22
C GLN B 84 -18.27 4.60 -14.53
N ASN B 85 -18.15 5.82 -13.96
CA ASN B 85 -16.96 6.66 -14.19
C ASN B 85 -15.84 6.38 -13.14
N GLY B 86 -16.11 5.46 -12.20
CA GLY B 86 -15.19 5.01 -11.17
C GLY B 86 -14.86 6.00 -10.05
N LEU B 87 -15.67 7.06 -9.93
CA LEU B 87 -15.47 8.10 -8.92
C LEU B 87 -15.82 7.61 -7.52
N LEU B 88 -16.83 6.74 -7.41
CA LEU B 88 -17.26 6.19 -6.11
C LEU B 88 -16.26 5.12 -5.66
N HIS B 89 -15.62 4.41 -6.61
CA HIS B 89 -14.58 3.41 -6.35
C HIS B 89 -13.34 4.13 -5.75
N MET B 90 -13.01 5.31 -6.29
CA MET B 90 -11.91 6.18 -5.85
C MET B 90 -12.19 6.70 -4.43
N LEU B 91 -13.41 7.21 -4.19
CA LEU B 91 -13.86 7.75 -2.90
C LEU B 91 -13.87 6.68 -1.80
N ASP B 92 -14.08 5.40 -2.18
CA ASP B 92 -14.10 4.24 -1.28
C ASP B 92 -12.69 4.03 -0.70
N ARG B 93 -11.68 4.15 -1.57
CA ARG B 93 -10.26 3.98 -1.28
C ARG B 93 -9.76 5.08 -0.36
N ASN B 94 -10.10 6.33 -0.69
CA ASN B 94 -9.67 7.53 0.03
C ASN B 94 -10.24 7.58 1.44
N ARG B 95 -11.54 7.26 1.60
CA ARG B 95 -12.20 7.28 2.92
C ARG B 95 -11.58 6.24 3.86
N ARG B 96 -10.98 5.16 3.29
CA ARG B 96 -10.25 4.12 4.03
C ARG B 96 -8.86 4.61 4.48
N ILE B 97 -8.23 5.53 3.69
CA ILE B 97 -6.90 6.08 3.99
C ILE B 97 -7.04 7.17 5.07
N LYS B 98 -7.88 8.19 4.83
CA LYS B 98 -8.08 9.29 5.79
C LYS B 98 -9.50 9.88 5.69
N LYS B 99 -9.82 10.73 6.68
CA LYS B 99 -11.09 11.42 6.84
C LYS B 99 -11.45 12.33 5.65
N CYS B 100 -10.58 13.31 5.30
CA CYS B 100 -10.87 14.31 4.27
C CYS B 100 -9.63 14.74 3.47
N PRO B 101 -9.80 15.25 2.21
CA PRO B 101 -8.63 15.80 1.48
C PRO B 101 -8.12 17.08 2.17
N GLU B 102 -6.78 17.25 2.23
CA GLU B 102 -6.15 18.38 2.92
C GLU B 102 -5.39 19.29 1.96
N ARG B 103 -5.28 20.60 2.30
CA ARG B 103 -4.58 21.57 1.47
C ARG B 103 -3.15 21.77 2.02
N PHE B 104 -2.15 21.69 1.12
CA PHE B 104 -0.72 21.83 1.42
C PHE B 104 -0.41 23.20 2.06
N GLN B 105 -1.06 24.26 1.56
CA GLN B 105 -0.86 25.65 1.98
C GLN B 105 -1.31 25.87 3.44
N ASP B 106 -2.09 24.93 3.99
CA ASP B 106 -2.60 25.09 5.35
C ASP B 106 -1.93 24.13 6.36
N THR B 107 -1.11 23.15 5.88
CA THR B 107 -0.47 22.20 6.80
C THR B 107 0.73 22.81 7.54
N LYS B 108 0.89 22.38 8.80
CA LYS B 108 2.01 22.76 9.67
C LYS B 108 2.98 21.56 9.77
N GLU B 109 2.69 20.48 9.02
CA GLU B 109 3.53 19.27 8.97
C GLU B 109 4.81 19.53 8.16
N GLN B 110 5.92 18.91 8.59
CA GLN B 110 7.25 19.03 7.97
C GLN B 110 7.66 17.70 7.39
N PHE B 111 8.31 17.72 6.20
CA PHE B 111 8.73 16.50 5.50
C PHE B 111 10.20 16.54 5.14
N ASP B 112 10.73 15.37 4.76
CA ASP B 112 12.09 15.17 4.26
C ASP B 112 12.06 15.31 2.74
N ILE B 113 11.01 14.71 2.13
CA ILE B 113 10.72 14.68 0.70
C ILE B 113 9.26 15.05 0.47
N ILE B 114 9.03 15.93 -0.53
CA ILE B 114 7.72 16.35 -1.08
C ILE B 114 7.74 16.00 -2.57
N VAL B 115 6.79 15.15 -3.01
CA VAL B 115 6.68 14.72 -4.40
C VAL B 115 5.45 15.38 -5.02
N THR B 116 5.64 16.14 -6.12
CA THR B 116 4.52 16.75 -6.85
C THR B 116 4.27 15.90 -8.09
N VAL B 117 3.00 15.86 -8.54
CA VAL B 117 2.57 15.03 -9.69
C VAL B 117 2.63 15.79 -11.05
N GLU B 118 2.72 17.14 -11.01
CA GLU B 118 2.84 17.98 -12.21
C GLU B 118 3.53 19.31 -11.88
N GLU B 119 4.24 19.88 -12.88
CA GLU B 119 5.01 21.13 -12.79
C GLU B 119 4.19 22.30 -12.21
N ARG B 120 2.92 22.38 -12.57
CA ARG B 120 1.98 23.39 -12.10
C ARG B 120 1.82 23.28 -10.57
N VAL B 121 1.77 22.02 -10.03
CA VAL B 121 1.65 21.72 -8.59
C VAL B 121 3.00 22.11 -7.89
N TYR B 122 4.11 21.68 -8.50
CA TYR B 122 5.48 21.95 -8.10
C TYR B 122 5.65 23.46 -7.82
N ASP B 123 5.21 24.31 -8.77
CA ASP B 123 5.26 25.77 -8.70
C ASP B 123 4.44 26.30 -7.53
N LEU B 124 3.26 25.71 -7.31
CA LEU B 124 2.38 26.09 -6.20
C LEU B 124 3.03 25.76 -4.84
N VAL B 125 3.71 24.59 -4.73
CA VAL B 125 4.39 24.12 -3.49
C VAL B 125 5.57 25.06 -3.16
N VAL B 126 6.44 25.30 -4.17
CA VAL B 126 7.63 26.15 -4.12
C VAL B 126 7.21 27.61 -3.82
N MET B 127 6.18 28.12 -4.51
CA MET B 127 5.70 29.50 -4.25
C MET B 127 5.31 29.65 -2.81
N HIS B 128 4.51 28.66 -2.29
CA HIS B 128 4.01 28.64 -0.91
C HIS B 128 5.12 28.61 0.14
N MET B 129 6.11 27.71 -0.02
CA MET B 129 7.17 27.59 0.96
C MET B 129 8.07 28.75 0.95
N GLU B 130 8.25 29.37 -0.23
CA GLU B 130 9.09 30.56 -0.34
C GLU B 130 8.42 31.76 0.28
N SER B 131 7.06 31.82 0.23
CA SER B 131 6.22 32.91 0.78
C SER B 131 6.34 33.05 2.32
N MET B 132 6.80 31.98 2.99
CA MET B 132 6.97 31.88 4.43
C MET B 132 8.41 32.02 4.84
N GLU B 133 8.64 32.84 5.88
CA GLU B 133 9.94 33.04 6.51
C GLU B 133 10.37 31.72 7.16
N SER B 134 11.60 31.33 6.97
CA SER B 134 12.08 30.08 7.54
C SER B 134 12.43 30.32 9.01
N VAL B 135 12.06 29.34 9.84
CA VAL B 135 12.26 29.39 11.28
C VAL B 135 13.28 28.35 11.71
N ASP B 136 13.00 27.06 11.43
CA ASP B 136 13.89 25.96 11.83
C ASP B 136 15.14 25.87 10.97
N ASN B 137 15.11 26.49 9.74
CA ASN B 137 16.18 26.46 8.76
C ASN B 137 16.42 25.00 8.32
N ARG B 138 15.33 24.21 8.33
CA ARG B 138 15.32 22.80 7.96
C ARG B 138 15.00 22.64 6.46
N PRO B 139 15.93 22.04 5.68
CA PRO B 139 15.65 21.84 4.26
C PRO B 139 14.74 20.66 3.97
N VAL B 140 14.07 20.72 2.82
CA VAL B 140 13.17 19.69 2.30
C VAL B 140 13.39 19.60 0.78
N HIS B 141 13.51 18.38 0.26
CA HIS B 141 13.65 18.11 -1.16
C HIS B 141 12.28 18.06 -1.78
N VAL B 142 12.09 18.85 -2.82
CA VAL B 142 10.83 18.94 -3.57
C VAL B 142 11.14 18.37 -4.94
N LEU B 143 10.46 17.28 -5.27
CA LEU B 143 10.64 16.55 -6.53
C LEU B 143 9.36 16.53 -7.33
N ASN B 144 9.48 16.55 -8.66
CA ASN B 144 8.31 16.48 -9.54
C ASN B 144 8.35 15.22 -10.42
N VAL B 145 7.30 14.41 -10.32
CA VAL B 145 7.11 13.18 -11.10
C VAL B 145 5.79 13.39 -11.83
N ASP B 146 5.85 13.60 -13.18
CA ASP B 146 4.69 13.87 -14.03
C ASP B 146 3.69 12.70 -14.08
N VAL B 147 2.52 12.91 -13.51
CA VAL B 147 1.47 11.90 -13.51
C VAL B 147 0.23 12.51 -14.20
N VAL B 148 -0.17 11.92 -15.36
CA VAL B 148 -1.33 12.38 -16.16
C VAL B 148 -2.61 12.11 -15.35
N ASN B 149 -3.53 13.10 -15.26
CA ASN B 149 -4.73 12.99 -14.43
C ASN B 149 -5.85 12.10 -15.06
N ASN B 150 -5.72 10.77 -14.86
CA ASN B 150 -6.65 9.72 -15.24
C ASN B 150 -6.33 8.48 -14.40
N ALA B 151 -7.34 7.64 -14.10
CA ALA B 151 -7.21 6.46 -13.22
C ALA B 151 -6.06 5.53 -13.63
N GLU B 152 -5.92 5.23 -14.93
CA GLU B 152 -4.88 4.35 -15.46
C GLU B 152 -3.46 4.90 -15.25
N ASP B 153 -3.25 6.22 -15.54
CA ASP B 153 -1.95 6.87 -15.37
C ASP B 153 -1.63 7.15 -13.90
N ALA B 154 -2.66 7.39 -13.06
CA ALA B 154 -2.48 7.60 -11.61
C ALA B 154 -1.95 6.33 -10.95
N LEU B 155 -2.32 5.16 -11.51
CA LEU B 155 -1.89 3.85 -11.05
C LEU B 155 -0.42 3.62 -11.41
N MET B 156 -0.05 3.83 -12.69
CA MET B 156 1.31 3.67 -13.20
C MET B 156 2.26 4.63 -12.49
N GLY B 157 1.81 5.87 -12.31
CA GLY B 157 2.53 6.94 -11.64
C GLY B 157 2.86 6.62 -10.19
N ALA B 158 1.86 6.07 -9.46
CA ALA B 158 1.99 5.64 -8.07
C ALA B 158 3.06 4.58 -7.92
N PHE B 159 3.27 3.75 -8.95
CA PHE B 159 4.33 2.74 -8.92
C PHE B 159 5.71 3.39 -9.10
N VAL B 160 5.80 4.44 -9.95
CA VAL B 160 7.05 5.20 -10.21
C VAL B 160 7.48 5.92 -8.92
N ILE B 161 6.55 6.71 -8.34
CA ILE B 161 6.74 7.44 -7.08
C ILE B 161 7.22 6.47 -5.97
N THR B 162 6.58 5.27 -5.84
CA THR B 162 6.93 4.25 -4.84
C THR B 162 8.32 3.70 -5.17
N ASP B 163 8.61 3.50 -6.47
CA ASP B 163 9.93 3.01 -6.90
C ASP B 163 11.03 4.02 -6.48
N MET B 164 10.78 5.33 -6.74
CA MET B 164 11.68 6.44 -6.47
C MET B 164 11.89 6.61 -4.98
N ILE B 165 10.81 6.55 -4.15
CA ILE B 165 10.91 6.73 -2.71
C ILE B 165 11.64 5.54 -2.09
N ASN B 166 11.49 4.33 -2.66
CA ASN B 166 12.18 3.14 -2.17
C ASN B 166 13.69 3.22 -2.38
N MET B 167 14.11 3.69 -3.56
CA MET B 167 15.52 3.86 -3.93
C MET B 167 16.17 4.89 -2.98
N MET B 168 15.45 5.99 -2.70
CA MET B 168 15.88 7.03 -1.80
C MET B 168 15.90 6.58 -0.35
N ALA B 169 14.98 5.68 0.04
CA ALA B 169 14.92 5.11 1.40
C ALA B 169 16.14 4.21 1.68
N LYS B 170 16.71 3.57 0.62
CA LYS B 170 17.87 2.69 0.69
C LYS B 170 19.15 3.43 1.04
N SER B 171 19.21 4.74 0.74
CA SER B 171 20.39 5.55 0.96
C SER B 171 20.68 5.77 2.44
N THR B 172 21.96 5.69 2.79
CA THR B 172 22.49 5.88 4.14
C THR B 172 22.67 7.38 4.40
N ASP B 173 22.71 8.20 3.33
CA ASP B 173 22.85 9.67 3.39
C ASP B 173 22.12 10.27 2.17
N LEU B 174 20.81 10.46 2.28
CA LEU B 174 19.99 10.95 1.18
C LEU B 174 20.51 12.27 0.57
N ASP B 175 20.80 13.29 1.40
CA ASP B 175 21.31 14.58 0.92
C ASP B 175 22.53 14.44 0.07
N ASN B 176 23.46 13.57 0.47
CA ASN B 176 24.71 13.41 -0.23
C ASN B 176 24.58 12.51 -1.48
N ASP B 177 23.48 11.75 -1.63
CA ASP B 177 23.34 10.82 -2.75
C ASP B 177 22.20 11.17 -3.72
N ILE B 178 21.22 11.96 -3.28
CA ILE B 178 19.98 12.27 -3.99
C ILE B 178 20.21 12.70 -5.47
N ASP B 179 21.15 13.64 -5.78
CA ASP B 179 21.31 14.10 -7.17
C ASP B 179 21.72 12.96 -8.12
N GLU B 180 22.66 12.09 -7.69
CA GLU B 180 23.11 10.93 -8.46
C GLU B 180 21.96 9.91 -8.62
N LEU B 181 21.19 9.67 -7.54
CA LEU B 181 20.04 8.76 -7.53
C LEU B 181 18.98 9.22 -8.51
N ILE B 182 18.65 10.52 -8.50
CA ILE B 182 17.67 11.08 -9.45
C ILE B 182 18.19 10.89 -10.87
N GLN B 183 19.44 11.32 -11.11
CA GLN B 183 20.14 11.22 -12.40
C GLN B 183 20.07 9.79 -13.01
N GLU B 184 20.31 8.72 -12.20
CA GLU B 184 20.23 7.34 -12.70
C GLU B 184 18.77 6.89 -12.85
N PHE B 185 17.87 7.32 -11.94
CA PHE B 185 16.45 6.99 -12.00
C PHE B 185 15.85 7.55 -13.28
N GLU B 186 16.16 8.82 -13.59
CA GLU B 186 15.74 9.53 -14.80
C GLU B 186 16.15 8.77 -16.05
N GLU B 187 17.40 8.28 -16.06
CA GLU B 187 17.94 7.55 -17.19
C GLU B 187 17.21 6.23 -17.40
N ARG B 188 17.17 5.37 -16.37
CA ARG B 188 16.51 4.07 -16.42
C ARG B 188 15.05 4.17 -16.82
N ARG B 189 14.28 5.04 -16.15
CA ARG B 189 12.84 5.20 -16.35
C ARG B 189 12.49 6.20 -17.48
N LYS B 190 13.51 6.76 -18.20
CA LYS B 190 13.36 7.72 -19.32
C LYS B 190 12.36 8.87 -18.94
N ARG B 191 12.59 9.48 -17.76
CA ARG B 191 11.75 10.54 -17.18
C ARG B 191 12.54 11.78 -16.80
N VAL B 192 11.83 12.90 -16.58
CA VAL B 192 12.44 14.16 -16.12
C VAL B 192 11.89 14.42 -14.72
N ILE B 193 12.79 14.47 -13.72
CA ILE B 193 12.40 14.72 -12.34
C ILE B 193 12.96 16.08 -11.90
N LEU B 194 12.11 17.13 -11.89
CA LEU B 194 12.54 18.43 -11.38
C LEU B 194 12.81 18.29 -9.89
N HIS B 195 13.92 18.84 -9.43
CA HIS B 195 14.34 18.75 -8.04
C HIS B 195 14.86 20.12 -7.53
N SER B 196 14.23 20.60 -6.47
CA SER B 196 14.50 21.85 -5.75
C SER B 196 14.66 21.56 -4.23
N VAL B 197 15.18 22.54 -3.49
CA VAL B 197 15.32 22.47 -2.05
C VAL B 197 14.62 23.73 -1.43
N LEU B 198 13.73 23.50 -0.45
CA LEU B 198 13.03 24.59 0.25
C LEU B 198 13.30 24.48 1.74
N PHE B 199 12.91 25.51 2.51
CA PHE B 199 13.22 25.56 3.93
C PHE B 199 12.06 25.89 4.82
N TYR B 200 12.02 25.23 5.99
CA TYR B 200 11.05 25.45 7.07
C TYR B 200 11.60 26.43 8.08
N PRO C 30 -15.65 -8.96 -30.16
CA PRO C 30 -15.13 -9.50 -28.89
C PRO C 30 -15.29 -11.03 -28.77
N SER C 31 -16.39 -11.58 -29.32
CA SER C 31 -16.66 -13.03 -29.32
C SER C 31 -15.64 -13.76 -30.19
N THR C 32 -15.30 -13.19 -31.36
CA THR C 32 -14.31 -13.71 -32.30
C THR C 32 -12.90 -13.56 -31.68
N LYS C 33 -12.65 -12.43 -30.97
CA LYS C 33 -11.38 -12.10 -30.29
C LYS C 33 -10.96 -13.20 -29.27
N CYS C 34 -11.92 -13.73 -28.50
CA CYS C 34 -11.70 -14.77 -27.48
C CYS C 34 -11.37 -16.12 -28.12
N GLU C 35 -12.00 -16.41 -29.28
CA GLU C 35 -11.77 -17.62 -30.06
C GLU C 35 -10.35 -17.60 -30.61
N LEU C 36 -9.95 -16.44 -31.18
CA LEU C 36 -8.63 -16.18 -31.76
C LEU C 36 -7.55 -16.32 -30.68
N LEU C 37 -7.74 -15.68 -29.50
CA LEU C 37 -6.80 -15.70 -28.37
C LEU C 37 -6.60 -17.11 -27.82
N ALA C 38 -7.67 -17.94 -27.79
CA ALA C 38 -7.63 -19.33 -27.33
C ALA C 38 -6.68 -20.14 -28.21
N LYS C 39 -6.78 -19.94 -29.55
CA LYS C 39 -5.94 -20.57 -30.57
C LYS C 39 -4.48 -20.10 -30.45
N VAL C 40 -4.29 -18.81 -30.08
CA VAL C 40 -2.98 -18.19 -29.85
C VAL C 40 -2.33 -18.87 -28.62
N GLN C 41 -3.03 -18.92 -27.47
CA GLN C 41 -2.55 -19.52 -26.23
C GLN C 41 -2.20 -21.01 -26.35
N GLU C 42 -2.95 -21.79 -27.17
CA GLU C 42 -2.70 -23.23 -27.32
C GLU C 42 -1.62 -23.54 -28.41
N THR C 43 -1.08 -22.49 -29.06
CA THR C 43 -0.03 -22.64 -30.09
C THR C 43 1.23 -21.86 -29.70
N VAL C 44 1.10 -20.56 -29.39
CA VAL C 44 2.18 -19.65 -29.01
C VAL C 44 2.75 -20.03 -27.60
N LEU C 45 1.90 -20.53 -26.67
CA LEU C 45 2.36 -20.94 -25.33
C LEU C 45 2.37 -22.47 -25.16
N GLY C 46 1.65 -23.19 -26.02
CA GLY C 46 1.55 -24.64 -26.00
C GLY C 46 2.49 -25.34 -26.96
N SER C 47 1.95 -25.76 -28.13
CA SER C 47 2.62 -26.49 -29.22
C SER C 47 3.96 -25.87 -29.66
N CYS C 48 4.02 -24.53 -29.82
CA CYS C 48 5.22 -23.79 -30.22
C CYS C 48 5.49 -22.65 -29.22
N ALA C 49 6.06 -23.00 -28.05
CA ALA C 49 6.38 -22.16 -26.89
C ALA C 49 7.31 -20.96 -27.19
N GLU C 50 8.17 -21.10 -28.22
CA GLU C 50 9.18 -20.11 -28.66
C GLU C 50 8.56 -18.77 -29.13
N LEU C 51 7.34 -18.79 -29.71
CA LEU C 51 6.60 -17.63 -30.26
C LEU C 51 6.05 -16.64 -29.21
N ALA C 52 6.18 -16.95 -27.90
CA ALA C 52 5.65 -16.13 -26.80
C ALA C 52 6.17 -14.69 -26.76
N GLU C 53 7.49 -14.52 -26.97
CA GLU C 53 8.22 -13.24 -26.92
C GLU C 53 7.73 -12.20 -27.95
N GLU C 54 7.53 -12.62 -29.20
CA GLU C 54 7.15 -11.76 -30.33
C GLU C 54 5.67 -11.35 -30.33
N PHE C 55 4.76 -12.19 -29.82
CA PHE C 55 3.32 -11.88 -29.82
C PHE C 55 2.82 -11.38 -28.46
N LEU C 56 3.74 -11.06 -27.53
CA LEU C 56 3.44 -10.57 -26.19
C LEU C 56 2.73 -9.21 -26.24
N GLU C 57 3.30 -8.26 -27.00
CA GLU C 57 2.81 -6.90 -27.19
C GLU C 57 1.38 -6.85 -27.75
N SER C 58 1.05 -7.82 -28.64
CA SER C 58 -0.21 -7.99 -29.37
C SER C 58 -1.36 -8.38 -28.44
N VAL C 59 -1.11 -9.33 -27.53
CA VAL C 59 -2.09 -9.86 -26.57
C VAL C 59 -2.30 -8.87 -25.41
N LEU C 60 -1.21 -8.35 -24.80
CA LEU C 60 -1.26 -7.43 -23.65
C LEU C 60 -1.99 -6.12 -23.93
N SER C 61 -2.10 -5.72 -25.20
CA SER C 61 -2.81 -4.51 -25.61
C SER C 61 -4.33 -4.70 -25.42
N LEU C 62 -4.82 -5.95 -25.59
CA LEU C 62 -6.24 -6.33 -25.46
C LEU C 62 -6.75 -6.28 -24.00
N ALA C 63 -5.87 -5.90 -23.05
CA ALA C 63 -6.20 -5.70 -21.64
C ALA C 63 -7.03 -4.43 -21.48
N HIS C 64 -6.97 -3.54 -22.49
CA HIS C 64 -7.68 -2.26 -22.52
C HIS C 64 -9.05 -2.38 -23.20
N ASP C 65 -9.31 -3.51 -23.90
CA ASP C 65 -10.57 -3.82 -24.60
C ASP C 65 -11.80 -3.59 -23.70
N SER C 66 -12.91 -3.15 -24.30
CA SER C 66 -14.18 -2.85 -23.62
C SER C 66 -14.91 -4.11 -23.10
N ASN C 67 -14.80 -5.25 -23.80
CA ASN C 67 -15.47 -6.49 -23.37
C ASN C 67 -14.66 -7.17 -22.26
N MET C 68 -15.37 -7.54 -21.17
CA MET C 68 -14.79 -8.16 -19.99
C MET C 68 -14.27 -9.58 -20.26
N GLU C 69 -14.93 -10.35 -21.15
CA GLU C 69 -14.51 -11.71 -21.52
C GLU C 69 -13.12 -11.69 -22.15
N VAL C 70 -12.87 -10.66 -23.00
CA VAL C 70 -11.60 -10.43 -23.68
C VAL C 70 -10.53 -10.17 -22.62
N ARG C 71 -10.82 -9.27 -21.66
CA ARG C 71 -9.94 -8.93 -20.55
C ARG C 71 -9.60 -10.17 -19.69
N LYS C 72 -10.59 -11.07 -19.48
CA LYS C 72 -10.46 -12.32 -18.72
C LYS C 72 -9.57 -13.32 -19.47
N GLN C 73 -9.62 -13.30 -20.82
CA GLN C 73 -8.79 -14.16 -21.68
C GLN C 73 -7.33 -13.75 -21.60
N VAL C 74 -7.07 -12.44 -21.48
CA VAL C 74 -5.74 -11.83 -21.34
C VAL C 74 -5.13 -12.35 -20.01
N VAL C 75 -5.96 -12.38 -18.93
CA VAL C 75 -5.60 -12.87 -17.59
C VAL C 75 -5.19 -14.35 -17.70
N ALA C 76 -6.01 -15.17 -18.39
CA ALA C 76 -5.76 -16.59 -18.61
C ALA C 76 -4.41 -16.80 -19.30
N PHE C 77 -4.08 -15.92 -20.27
CA PHE C 77 -2.83 -15.94 -21.03
C PHE C 77 -1.65 -15.59 -20.13
N VAL C 78 -1.72 -14.45 -19.42
CA VAL C 78 -0.69 -13.95 -18.50
C VAL C 78 -0.38 -15.00 -17.41
N GLU C 79 -1.42 -15.72 -16.94
CA GLU C 79 -1.29 -16.78 -15.94
C GLU C 79 -0.49 -17.96 -16.53
N GLN C 80 -0.70 -18.26 -17.83
CA GLN C 80 0.02 -19.34 -18.52
C GLN C 80 1.50 -18.94 -18.75
N VAL C 81 1.75 -17.65 -19.08
CA VAL C 81 3.09 -17.06 -19.29
C VAL C 81 3.96 -17.31 -18.04
N CYS C 82 3.42 -17.06 -16.83
CA CYS C 82 4.16 -17.25 -15.59
C CYS C 82 4.36 -18.74 -15.23
N LYS C 83 3.60 -19.64 -15.89
CA LYS C 83 3.72 -21.09 -15.67
C LYS C 83 4.81 -21.68 -16.56
N VAL C 84 4.83 -21.35 -17.88
CA VAL C 84 5.76 -21.91 -18.87
C VAL C 84 6.98 -21.01 -19.18
N LYS C 85 6.81 -19.68 -19.25
CA LYS C 85 7.91 -18.74 -19.55
C LYS C 85 8.02 -17.68 -18.47
N VAL C 86 8.22 -18.14 -17.21
CA VAL C 86 8.32 -17.38 -15.97
C VAL C 86 9.36 -16.21 -16.02
N GLU C 87 10.23 -16.18 -17.04
CA GLU C 87 11.25 -15.14 -17.22
C GLU C 87 10.62 -13.85 -17.73
N LEU C 88 9.43 -13.96 -18.37
CA LEU C 88 8.65 -12.85 -18.91
C LEU C 88 7.80 -12.17 -17.83
N LEU C 89 7.84 -12.69 -16.56
CA LEU C 89 7.11 -12.19 -15.39
C LEU C 89 7.17 -10.64 -15.27
N PRO C 90 8.33 -9.91 -15.32
CA PRO C 90 8.27 -8.45 -15.17
C PRO C 90 7.51 -7.74 -16.30
N HIS C 91 7.46 -8.36 -17.51
CA HIS C 91 6.77 -7.78 -18.66
C HIS C 91 5.25 -7.99 -18.63
N VAL C 92 4.72 -8.79 -17.69
CA VAL C 92 3.29 -9.08 -17.60
C VAL C 92 2.67 -8.59 -16.27
N ILE C 93 3.46 -8.59 -15.19
CA ILE C 93 3.05 -8.25 -13.83
C ILE C 93 2.34 -6.89 -13.69
N ASN C 94 2.63 -5.90 -14.56
CA ASN C 94 1.98 -4.58 -14.50
C ASN C 94 0.50 -4.69 -14.87
N VAL C 95 0.20 -5.45 -15.95
CA VAL C 95 -1.14 -5.71 -16.49
C VAL C 95 -2.04 -6.32 -15.37
N VAL C 96 -1.47 -7.23 -14.57
CA VAL C 96 -2.12 -7.92 -13.45
C VAL C 96 -2.56 -6.89 -12.39
N SER C 97 -1.63 -6.04 -11.91
CA SER C 97 -1.92 -5.02 -10.90
C SER C 97 -2.95 -4.01 -11.42
N MET C 98 -2.92 -3.74 -12.74
CA MET C 98 -3.83 -2.85 -13.45
C MET C 98 -5.24 -3.46 -13.52
N LEU C 99 -5.34 -4.77 -13.86
CA LEU C 99 -6.61 -5.50 -13.96
C LEU C 99 -7.22 -5.81 -12.57
N LEU C 100 -6.43 -5.67 -11.49
CA LEU C 100 -6.89 -5.83 -10.11
C LEU C 100 -7.65 -4.57 -9.68
N ARG C 101 -7.66 -3.54 -10.54
CA ARG C 101 -8.30 -2.25 -10.29
C ARG C 101 -9.46 -2.01 -11.28
N ASP C 102 -9.75 -3.01 -12.12
CA ASP C 102 -10.82 -3.07 -13.11
C ASP C 102 -12.21 -2.73 -12.53
N ASN C 103 -13.11 -2.26 -13.40
CA ASN C 103 -14.47 -1.85 -13.08
C ASN C 103 -15.38 -3.08 -12.87
N SER C 104 -15.17 -4.14 -13.68
CA SER C 104 -15.95 -5.38 -13.61
C SER C 104 -15.43 -6.31 -12.52
N ALA C 105 -16.35 -6.74 -11.61
CA ALA C 105 -16.07 -7.65 -10.50
C ALA C 105 -15.63 -9.02 -11.02
N GLN C 106 -16.18 -9.43 -12.19
CA GLN C 106 -15.86 -10.67 -12.89
C GLN C 106 -14.40 -10.70 -13.31
N VAL C 107 -13.86 -9.52 -13.72
CA VAL C 107 -12.47 -9.41 -14.13
C VAL C 107 -11.60 -9.47 -12.86
N ILE C 108 -11.94 -8.69 -11.80
CA ILE C 108 -11.21 -8.70 -10.54
C ILE C 108 -11.05 -10.14 -10.00
N LYS C 109 -12.16 -10.91 -9.92
CA LYS C 109 -12.18 -12.31 -9.43
C LYS C 109 -11.21 -13.19 -10.20
N ARG C 110 -11.24 -13.12 -11.55
CA ARG C 110 -10.36 -13.88 -12.43
C ARG C 110 -8.88 -13.51 -12.19
N VAL C 111 -8.58 -12.20 -11.99
CA VAL C 111 -7.21 -11.72 -11.71
C VAL C 111 -6.71 -12.30 -10.36
N ILE C 112 -7.55 -12.24 -9.28
CA ILE C 112 -7.22 -12.79 -7.96
C ILE C 112 -6.92 -14.28 -8.08
N GLN C 113 -7.76 -15.01 -8.86
CA GLN C 113 -7.60 -16.44 -9.10
C GLN C 113 -6.25 -16.72 -9.71
N ALA C 114 -5.91 -15.98 -10.79
CA ALA C 114 -4.63 -16.09 -11.52
C ALA C 114 -3.42 -15.73 -10.64
N CYS C 115 -3.57 -14.75 -9.72
CA CYS C 115 -2.50 -14.30 -8.80
C CYS C 115 -1.99 -15.37 -7.85
N GLY C 116 -2.75 -16.46 -7.69
CA GLY C 116 -2.37 -17.57 -6.82
C GLY C 116 -1.11 -18.21 -7.32
N SER C 117 -1.16 -18.73 -8.57
CA SER C 117 -0.06 -19.37 -9.29
C SER C 117 0.99 -18.33 -9.69
N ILE C 118 0.56 -17.13 -10.14
CA ILE C 118 1.46 -16.04 -10.56
C ILE C 118 2.37 -15.59 -9.36
N TYR C 119 1.82 -15.51 -8.11
CA TYR C 119 2.64 -15.12 -6.95
C TYR C 119 3.58 -16.25 -6.56
N LYS C 120 3.12 -17.50 -6.61
CA LYS C 120 3.97 -18.66 -6.27
C LYS C 120 5.10 -18.80 -7.30
N ASN C 121 4.76 -18.76 -8.61
CA ASN C 121 5.74 -18.88 -9.70
C ASN C 121 6.71 -17.69 -9.70
N GLY C 122 6.16 -16.49 -9.45
CA GLY C 122 6.91 -15.24 -9.36
C GLY C 122 7.88 -15.25 -8.20
N LEU C 123 7.45 -15.73 -7.02
CA LEU C 123 8.28 -15.82 -5.82
C LEU C 123 9.40 -16.86 -6.00
N GLN C 124 9.10 -18.03 -6.62
CA GLN C 124 10.03 -19.13 -6.92
C GLN C 124 11.16 -18.66 -7.85
N TYR C 125 10.80 -17.91 -8.91
CA TYR C 125 11.71 -17.39 -9.92
C TYR C 125 12.65 -16.33 -9.37
N LEU C 126 12.11 -15.31 -8.65
CA LEU C 126 12.88 -14.19 -8.10
C LEU C 126 13.91 -14.60 -7.05
N CYS C 127 13.59 -15.58 -6.17
CA CYS C 127 14.54 -16.01 -5.17
C CYS C 127 15.56 -17.04 -5.75
N SER C 128 15.36 -17.48 -7.02
CA SER C 128 16.25 -18.41 -7.73
C SER C 128 17.42 -17.67 -8.41
N LEU C 129 17.24 -16.36 -8.75
CA LEU C 129 18.25 -15.51 -9.39
C LEU C 129 19.35 -15.16 -8.40
N MET C 130 20.63 -15.31 -8.81
CA MET C 130 21.81 -15.05 -7.96
C MET C 130 22.22 -13.58 -8.05
N GLU C 131 22.16 -12.98 -9.26
CA GLU C 131 22.45 -11.57 -9.49
C GLU C 131 21.18 -10.92 -10.06
N PRO C 132 20.18 -10.58 -9.19
CA PRO C 132 18.93 -10.01 -9.71
C PRO C 132 19.09 -8.54 -10.09
N GLY C 133 18.59 -8.21 -11.28
CA GLY C 133 18.64 -6.87 -11.84
C GLY C 133 17.58 -5.93 -11.30
N ASP C 134 17.45 -4.77 -11.96
CA ASP C 134 16.48 -3.73 -11.62
C ASP C 134 15.06 -4.20 -11.97
N SER C 135 14.88 -4.90 -13.13
CA SER C 135 13.60 -5.44 -13.59
C SER C 135 13.01 -6.43 -12.57
N ALA C 136 13.90 -7.17 -11.86
CA ALA C 136 13.57 -8.14 -10.81
C ALA C 136 13.00 -7.43 -9.57
N GLU C 137 13.61 -6.30 -9.18
CA GLU C 137 13.19 -5.46 -8.05
C GLU C 137 11.84 -4.81 -8.34
N GLN C 138 11.60 -4.44 -9.63
CA GLN C 138 10.35 -3.83 -10.09
C GLN C 138 9.21 -4.83 -10.04
N ALA C 139 9.44 -6.06 -10.56
CA ALA C 139 8.48 -7.16 -10.59
C ALA C 139 8.08 -7.57 -9.18
N TRP C 140 9.06 -7.63 -8.25
CA TRP C 140 8.84 -7.96 -6.85
C TRP C 140 7.99 -6.88 -6.18
N ASN C 141 8.27 -5.59 -6.47
CA ASN C 141 7.55 -4.45 -5.93
C ASN C 141 6.09 -4.51 -6.32
N ILE C 142 5.79 -4.91 -7.59
CA ILE C 142 4.42 -5.03 -8.09
C ILE C 142 3.73 -6.22 -7.39
N LEU C 143 4.46 -7.36 -7.23
CA LEU C 143 3.97 -8.56 -6.53
C LEU C 143 3.63 -8.25 -5.07
N SER C 144 4.50 -7.47 -4.38
CA SER C 144 4.31 -7.04 -2.99
C SER C 144 3.09 -6.15 -2.85
N LEU C 145 2.77 -5.38 -3.92
CA LEU C 145 1.65 -4.45 -3.93
C LEU C 145 0.37 -5.19 -4.26
N ILE C 146 0.44 -6.20 -5.16
CA ILE C 146 -0.69 -7.08 -5.50
C ILE C 146 -1.17 -7.81 -4.20
N LYS C 147 -0.22 -8.34 -3.40
CA LYS C 147 -0.46 -8.99 -2.11
C LYS C 147 -1.27 -8.09 -1.20
N ALA C 148 -0.83 -6.82 -1.05
CA ALA C 148 -1.42 -5.80 -0.21
C ALA C 148 -2.80 -5.37 -0.74
N GLN C 149 -2.96 -5.29 -2.08
CA GLN C 149 -4.19 -4.90 -2.75
C GLN C 149 -5.29 -5.94 -2.44
N ILE C 150 -4.94 -7.24 -2.59
CA ILE C 150 -5.82 -8.39 -2.39
C ILE C 150 -6.13 -8.55 -0.89
N LEU C 151 -5.14 -8.23 -0.02
CA LEU C 151 -5.35 -8.26 1.43
C LEU C 151 -6.44 -7.24 1.84
N ASP C 152 -6.45 -6.08 1.19
CA ASP C 152 -7.42 -5.00 1.41
C ASP C 152 -8.84 -5.42 0.95
N MET C 153 -8.89 -6.42 0.04
CA MET C 153 -10.09 -6.92 -0.62
C MET C 153 -10.96 -7.87 0.23
N ILE C 154 -10.54 -8.24 1.48
CA ILE C 154 -11.40 -9.06 2.34
C ILE C 154 -12.53 -8.17 2.90
N ASP C 155 -12.36 -6.84 2.78
CA ASP C 155 -13.35 -5.84 3.16
C ASP C 155 -14.01 -5.27 1.92
N ASN C 156 -13.88 -5.96 0.77
CA ASN C 156 -14.52 -5.57 -0.48
C ASN C 156 -16.03 -5.79 -0.35
N GLU C 157 -16.83 -4.98 -1.03
CA GLU C 157 -18.28 -5.07 -0.94
C GLU C 157 -18.87 -6.26 -1.71
N ASN C 158 -18.09 -6.87 -2.62
CA ASN C 158 -18.51 -7.99 -3.43
C ASN C 158 -18.13 -9.32 -2.74
N ASP C 159 -19.12 -10.23 -2.58
CA ASP C 159 -18.94 -11.51 -1.92
C ASP C 159 -18.02 -12.42 -2.71
N GLY C 160 -18.15 -12.37 -4.04
CA GLY C 160 -17.33 -13.14 -4.97
C GLY C 160 -15.86 -12.80 -4.88
N ILE C 161 -15.55 -11.47 -4.81
CA ILE C 161 -14.18 -10.95 -4.65
C ILE C 161 -13.63 -11.45 -3.32
N ARG C 162 -14.38 -11.25 -2.20
CA ARG C 162 -13.98 -11.67 -0.85
C ARG C 162 -13.62 -13.17 -0.79
N THR C 163 -14.40 -14.05 -1.45
CA THR C 163 -14.12 -15.48 -1.47
C THR C 163 -12.77 -15.73 -2.12
N ASN C 164 -12.56 -15.11 -3.29
CA ASN C 164 -11.34 -15.26 -4.08
C ASN C 164 -10.12 -14.74 -3.30
N ALA C 165 -10.27 -13.57 -2.65
CA ALA C 165 -9.27 -12.91 -1.80
C ALA C 165 -8.84 -13.82 -0.63
N ILE C 166 -9.81 -14.50 0.07
CA ILE C 166 -9.52 -15.44 1.17
C ILE C 166 -8.63 -16.60 0.64
N LYS C 167 -8.97 -17.14 -0.54
CA LYS C 167 -8.26 -18.26 -1.17
C LYS C 167 -6.84 -17.88 -1.53
N PHE C 168 -6.64 -16.63 -2.01
CA PHE C 168 -5.31 -16.13 -2.36
C PHE C 168 -4.44 -16.09 -1.13
N LEU C 169 -4.95 -15.45 -0.06
CA LEU C 169 -4.23 -15.24 1.18
C LEU C 169 -3.75 -16.55 1.85
N GLU C 170 -4.50 -17.65 1.63
CA GLU C 170 -4.21 -19.02 2.10
C GLU C 170 -2.85 -19.49 1.56
N GLY C 171 -2.61 -19.30 0.26
CA GLY C 171 -1.36 -19.67 -0.39
C GLY C 171 -0.16 -18.89 0.10
N VAL C 172 -0.35 -17.56 0.32
CA VAL C 172 0.68 -16.66 0.82
C VAL C 172 1.17 -17.14 2.20
N VAL C 173 0.23 -17.39 3.15
CA VAL C 173 0.54 -17.89 4.51
C VAL C 173 1.35 -19.18 4.43
N VAL C 174 0.93 -20.12 3.58
CA VAL C 174 1.61 -21.40 3.38
C VAL C 174 3.01 -21.15 2.81
N LEU C 175 3.13 -20.29 1.78
CA LEU C 175 4.41 -19.95 1.14
C LEU C 175 5.38 -19.29 2.13
N GLN C 176 4.89 -18.27 2.86
CA GLN C 176 5.61 -17.45 3.81
C GLN C 176 5.53 -18.00 5.24
N SER C 177 5.88 -19.29 5.38
CA SER C 177 6.02 -20.02 6.65
C SER C 177 6.85 -21.25 6.37
N PHE C 178 7.39 -21.87 7.43
CA PHE C 178 8.25 -23.02 7.27
C PHE C 178 7.50 -24.33 7.43
N ALA C 179 7.78 -25.28 6.52
CA ALA C 179 7.26 -26.64 6.59
C ALA C 179 8.01 -27.36 7.72
N ASP C 180 7.50 -28.52 8.14
CA ASP C 180 8.15 -29.31 9.20
C ASP C 180 7.85 -30.81 8.97
N GLU C 181 8.16 -31.64 9.98
CA GLU C 181 7.97 -33.10 9.96
C GLU C 181 6.49 -33.46 9.83
N ASP C 182 5.61 -32.73 10.59
CA ASP C 182 4.16 -32.95 10.65
C ASP C 182 3.38 -32.37 9.44
N SER C 183 4.00 -31.52 8.60
CA SER C 183 3.39 -30.98 7.38
C SER C 183 2.91 -32.09 6.45
N LEU C 184 1.73 -31.90 5.81
CA LEU C 184 1.19 -32.83 4.85
C LEU C 184 2.10 -32.87 3.61
N LYS C 185 2.42 -34.09 3.15
CA LYS C 185 3.25 -34.31 1.96
C LYS C 185 2.46 -33.89 0.72
N ARG C 186 2.89 -32.78 0.11
CA ARG C 186 2.33 -32.20 -1.11
C ARG C 186 3.48 -32.00 -2.09
N ASP C 187 3.32 -32.48 -3.33
CA ASP C 187 4.35 -32.48 -4.36
C ASP C 187 5.01 -31.10 -4.64
N GLY C 188 4.23 -30.09 -5.02
CA GLY C 188 4.78 -28.80 -5.35
C GLY C 188 4.95 -27.83 -4.20
N ASP C 189 5.00 -28.36 -2.96
CA ASP C 189 5.08 -27.55 -1.76
C ASP C 189 6.37 -26.71 -1.70
N PHE C 190 6.19 -25.40 -1.47
CA PHE C 190 7.23 -24.40 -1.33
C PHE C 190 6.99 -23.64 -0.03
N SER C 191 8.04 -23.55 0.81
CA SER C 191 8.00 -22.84 2.08
C SER C 191 9.17 -21.86 2.16
N LEU C 192 9.32 -21.16 3.30
CA LEU C 192 10.43 -20.24 3.54
C LEU C 192 11.78 -21.00 3.63
N ALA C 193 11.73 -22.32 3.90
CA ALA C 193 12.89 -23.22 3.94
C ALA C 193 13.52 -23.33 2.55
N ASP C 194 12.70 -23.15 1.50
CA ASP C 194 13.08 -23.20 0.08
C ASP C 194 13.56 -21.83 -0.45
N VAL C 195 13.50 -20.78 0.40
CA VAL C 195 13.97 -19.43 0.09
C VAL C 195 15.45 -19.34 0.50
N PRO C 196 16.38 -19.05 -0.45
CA PRO C 196 17.81 -19.01 -0.09
C PRO C 196 18.22 -17.79 0.74
N ASP C 197 19.34 -17.93 1.45
CA ASP C 197 19.94 -16.86 2.27
C ASP C 197 20.63 -15.84 1.36
N HIS C 198 21.07 -16.29 0.16
CA HIS C 198 21.73 -15.48 -0.86
C HIS C 198 20.74 -14.47 -1.52
N CYS C 199 19.43 -14.54 -1.18
CA CYS C 199 18.44 -13.62 -1.73
C CYS C 199 18.57 -12.25 -1.08
N THR C 200 18.68 -11.22 -1.95
CA THR C 200 18.83 -9.80 -1.56
C THR C 200 17.50 -9.06 -1.64
N LEU C 201 16.61 -9.50 -2.57
CA LEU C 201 15.28 -8.95 -2.87
C LEU C 201 14.35 -8.82 -1.64
N PHE C 202 14.44 -9.78 -0.70
CA PHE C 202 13.62 -9.84 0.51
C PHE C 202 14.26 -10.72 1.58
N ARG C 203 13.81 -10.58 2.83
CA ARG C 203 14.30 -11.36 3.97
C ARG C 203 13.26 -12.37 4.46
N ARG C 204 13.70 -13.63 4.76
CA ARG C 204 12.88 -14.75 5.27
C ARG C 204 12.08 -14.36 6.51
N GLU C 205 12.70 -13.61 7.45
CA GLU C 205 12.07 -13.16 8.69
C GLU C 205 10.92 -12.19 8.44
N LYS C 206 11.08 -11.27 7.45
CA LYS C 206 10.08 -10.27 7.09
C LYS C 206 8.85 -10.93 6.42
N LEU C 207 9.07 -11.94 5.55
CA LEU C 207 7.98 -12.68 4.89
C LEU C 207 7.20 -13.50 5.92
N GLN C 208 7.91 -14.07 6.92
CA GLN C 208 7.33 -14.84 8.01
C GLN C 208 6.44 -13.93 8.85
N GLU C 209 6.93 -12.70 9.12
CA GLU C 209 6.21 -11.68 9.87
C GLU C 209 4.90 -11.35 9.15
N GLU C 210 4.95 -11.16 7.81
CA GLU C 210 3.80 -10.88 6.96
C GLU C 210 2.79 -12.06 6.94
N GLY C 211 3.31 -13.29 6.78
CA GLY C 211 2.53 -14.52 6.78
C GLY C 211 1.74 -14.69 8.06
N ASN C 212 2.39 -14.39 9.21
CA ASN C 212 1.78 -14.41 10.54
C ASN C 212 0.69 -13.34 10.67
N ASN C 213 0.89 -12.17 10.04
CA ASN C 213 -0.06 -11.05 10.06
C ASN C 213 -1.29 -11.35 9.20
N ILE C 214 -1.07 -12.04 8.06
CA ILE C 214 -2.17 -12.43 7.16
C ILE C 214 -2.99 -13.52 7.87
N LEU C 215 -2.32 -14.48 8.56
CA LEU C 215 -3.03 -15.50 9.30
C LEU C 215 -3.88 -14.88 10.42
N ASP C 216 -3.30 -13.94 11.18
CA ASP C 216 -4.00 -13.23 12.25
C ASP C 216 -5.26 -12.53 11.73
N ILE C 217 -5.17 -11.95 10.51
CA ILE C 217 -6.27 -11.28 9.85
C ILE C 217 -7.35 -12.33 9.45
N LEU C 218 -6.93 -13.49 8.92
CA LEU C 218 -7.88 -14.56 8.55
C LEU C 218 -8.59 -15.09 9.78
N LEU C 219 -7.84 -15.33 10.88
CA LEU C 219 -8.39 -15.81 12.16
C LEU C 219 -9.45 -14.86 12.71
N GLN C 220 -9.21 -13.54 12.62
CA GLN C 220 -10.12 -12.51 13.10
C GLN C 220 -11.32 -12.42 12.20
N PHE C 221 -11.09 -12.51 10.88
CA PHE C 221 -12.16 -12.44 9.87
C PHE C 221 -13.17 -13.57 10.12
N HIS C 222 -12.64 -14.79 10.30
CA HIS C 222 -13.34 -16.03 10.58
C HIS C 222 -14.26 -15.93 11.79
N GLY C 223 -13.90 -15.09 12.76
CA GLY C 223 -14.65 -14.92 14.00
C GLY C 223 -15.62 -13.76 14.06
N THR C 224 -15.83 -13.06 12.92
CA THR C 224 -16.73 -11.91 12.85
C THR C 224 -18.19 -12.39 12.86
N THR C 225 -19.10 -11.51 13.27
CA THR C 225 -20.52 -11.78 13.46
C THR C 225 -21.36 -11.58 12.19
N HIS C 226 -20.86 -10.83 11.21
CA HIS C 226 -21.64 -10.56 10.01
C HIS C 226 -20.95 -11.09 8.73
N ILE C 227 -20.21 -12.19 8.86
CA ILE C 227 -19.58 -12.87 7.72
C ILE C 227 -20.66 -13.65 6.92
N SER C 228 -20.49 -13.71 5.59
CA SER C 228 -21.41 -14.46 4.72
C SER C 228 -21.11 -15.94 4.86
N SER C 229 -22.10 -16.80 4.55
CA SER C 229 -21.93 -18.26 4.64
C SER C 229 -20.83 -18.75 3.70
N VAL C 230 -20.76 -18.21 2.47
CA VAL C 230 -19.75 -18.60 1.47
C VAL C 230 -18.34 -18.22 1.97
N ASN C 231 -18.19 -16.96 2.44
CA ASN C 231 -16.90 -16.47 2.97
C ASN C 231 -16.43 -17.31 4.14
N LEU C 232 -17.36 -17.60 5.08
CA LEU C 232 -17.09 -18.40 6.27
C LEU C 232 -16.63 -19.82 5.92
N ILE C 233 -17.30 -20.49 4.98
CA ILE C 233 -16.92 -21.84 4.56
C ILE C 233 -15.54 -21.76 3.92
N ALA C 234 -15.32 -20.77 3.04
CA ALA C 234 -14.04 -20.58 2.34
C ALA C 234 -12.89 -20.39 3.34
N CYS C 235 -13.06 -19.46 4.29
CA CYS C 235 -12.13 -19.15 5.34
C CYS C 235 -11.82 -20.37 6.21
N THR C 236 -12.86 -21.16 6.59
CA THR C 236 -12.71 -22.38 7.40
C THR C 236 -11.85 -23.40 6.67
N SER C 237 -12.05 -23.59 5.36
CA SER C 237 -11.24 -24.57 4.63
C SER C 237 -9.82 -24.03 4.40
N SER C 238 -9.66 -22.71 4.20
CA SER C 238 -8.36 -22.05 4.07
C SER C 238 -7.54 -22.24 5.34
N LEU C 239 -8.18 -22.02 6.51
CA LEU C 239 -7.53 -22.22 7.81
C LEU C 239 -7.11 -23.68 7.99
N CYS C 240 -7.94 -24.63 7.49
CA CYS C 240 -7.64 -26.05 7.57
C CYS C 240 -6.40 -26.38 6.72
N THR C 241 -6.35 -25.89 5.45
CA THR C 241 -5.21 -26.09 4.54
C THR C 241 -3.92 -25.55 5.20
N ILE C 242 -3.98 -24.32 5.76
CA ILE C 242 -2.86 -23.68 6.44
C ILE C 242 -2.36 -24.57 7.60
N ALA C 243 -3.25 -25.00 8.53
CA ALA C 243 -2.87 -25.84 9.68
C ALA C 243 -2.32 -27.23 9.26
N LYS C 244 -2.86 -27.86 8.20
CA LYS C 244 -2.36 -29.19 7.83
C LYS C 244 -1.03 -29.09 7.10
N MET C 245 -0.81 -27.98 6.37
CA MET C 245 0.42 -27.70 5.64
C MET C 245 1.51 -27.21 6.58
N ARG C 246 1.14 -26.36 7.55
CA ARG C 246 2.03 -25.75 8.55
C ARG C 246 1.43 -25.96 9.96
N PRO C 247 1.66 -27.17 10.54
CA PRO C 247 1.09 -27.50 11.87
C PRO C 247 1.53 -26.60 13.04
N ILE C 248 2.39 -25.60 12.79
CA ILE C 248 2.76 -24.62 13.81
C ILE C 248 1.48 -23.78 14.16
N PHE C 249 0.57 -23.63 13.19
CA PHE C 249 -0.67 -22.87 13.30
C PHE C 249 -1.89 -23.68 13.80
N MET C 250 -1.68 -25.00 14.07
CA MET C 250 -2.69 -25.95 14.50
C MET C 250 -3.53 -25.49 15.72
N GLY C 251 -2.86 -25.05 16.78
CA GLY C 251 -3.53 -24.61 18.01
C GLY C 251 -4.45 -23.42 17.79
N ALA C 252 -3.99 -22.48 16.96
CA ALA C 252 -4.70 -21.26 16.59
C ALA C 252 -5.96 -21.59 15.79
N VAL C 253 -5.84 -22.48 14.80
CA VAL C 253 -6.92 -22.90 13.91
C VAL C 253 -7.97 -23.73 14.70
N VAL C 254 -7.51 -24.63 15.58
CA VAL C 254 -8.42 -25.44 16.42
C VAL C 254 -9.22 -24.51 17.33
N GLU C 255 -8.58 -23.46 17.90
CA GLU C 255 -9.24 -22.47 18.75
C GLU C 255 -10.28 -21.67 17.97
N ALA C 256 -9.95 -21.26 16.74
CA ALA C 256 -10.86 -20.52 15.85
C ALA C 256 -12.10 -21.39 15.55
N PHE C 257 -11.88 -22.69 15.27
CA PHE C 257 -12.93 -23.65 14.97
C PHE C 257 -13.83 -23.84 16.21
N LYS C 258 -13.22 -23.97 17.40
CA LYS C 258 -13.91 -24.12 18.68
C LYS C 258 -14.78 -22.90 18.95
N GLN C 259 -14.21 -21.69 18.76
CA GLN C 259 -14.95 -20.44 18.98
C GLN C 259 -16.10 -20.31 18.00
N LEU C 260 -15.91 -20.72 16.72
CA LEU C 260 -16.95 -20.63 15.69
C LEU C 260 -18.15 -21.54 16.07
N ASN C 261 -17.87 -22.83 16.36
CA ASN C 261 -18.92 -23.79 16.71
C ASN C 261 -19.74 -23.36 17.95
N ALA C 262 -19.15 -22.56 18.84
CA ALA C 262 -19.79 -22.04 20.05
C ALA C 262 -20.54 -20.74 19.77
N ASN C 263 -20.16 -20.02 18.70
CA ASN C 263 -20.80 -18.73 18.40
C ASN C 263 -20.98 -18.55 16.90
N LEU C 264 -22.00 -19.22 16.35
CA LEU C 264 -22.35 -19.10 14.93
C LEU C 264 -22.89 -17.69 14.66
N PRO C 265 -22.40 -17.02 13.58
CA PRO C 265 -22.93 -15.67 13.26
C PRO C 265 -24.45 -15.63 13.15
N PRO C 266 -25.12 -14.64 13.81
CA PRO C 266 -26.61 -14.58 13.75
C PRO C 266 -27.16 -14.23 12.36
N THR C 267 -26.25 -13.92 11.43
CA THR C 267 -26.57 -13.57 10.04
C THR C 267 -26.75 -14.85 9.21
N LEU C 268 -26.33 -16.01 9.74
CA LEU C 268 -26.51 -17.26 9.03
C LEU C 268 -27.96 -17.76 9.17
N THR C 269 -28.47 -18.27 8.07
CA THR C 269 -29.77 -18.91 7.92
C THR C 269 -29.60 -20.35 8.45
N ASP C 270 -30.73 -21.04 8.76
CA ASP C 270 -30.71 -22.40 9.27
C ASP C 270 -29.95 -23.37 8.33
N SER C 271 -30.16 -23.22 7.02
CA SER C 271 -29.50 -23.99 5.97
C SER C 271 -28.02 -23.68 5.89
N GLN C 272 -27.68 -22.37 6.04
CA GLN C 272 -26.31 -21.86 6.04
C GLN C 272 -25.57 -22.43 7.24
N VAL C 273 -26.24 -22.51 8.43
CA VAL C 273 -25.66 -23.11 9.64
C VAL C 273 -25.30 -24.59 9.35
N SER C 274 -26.25 -25.36 8.82
CA SER C 274 -26.04 -26.77 8.48
C SER C 274 -24.91 -26.91 7.47
N SER C 275 -24.87 -26.05 6.45
CA SER C 275 -23.81 -26.06 5.42
C SER C 275 -22.44 -25.74 6.05
N VAL C 276 -22.37 -24.71 6.91
CA VAL C 276 -21.15 -24.28 7.60
C VAL C 276 -20.66 -25.41 8.54
N ARG C 277 -21.58 -26.04 9.28
CA ARG C 277 -21.25 -27.11 10.23
C ARG C 277 -20.81 -28.40 9.54
N LYS C 278 -21.36 -28.70 8.35
CA LYS C 278 -20.98 -29.89 7.60
C LYS C 278 -19.56 -29.73 7.09
N SER C 279 -19.21 -28.52 6.64
CA SER C 279 -17.87 -28.21 6.16
C SER C 279 -16.88 -28.19 7.35
N LEU C 280 -17.27 -27.61 8.50
CA LEU C 280 -16.46 -27.58 9.72
C LEU C 280 -16.11 -29.00 10.18
N LYS C 281 -17.10 -29.91 10.15
CA LYS C 281 -16.92 -31.32 10.48
C LYS C 281 -15.84 -31.95 9.60
N MET C 282 -15.88 -31.71 8.27
CA MET C 282 -14.89 -32.23 7.31
C MET C 282 -13.51 -31.71 7.57
N GLN C 283 -13.38 -30.41 7.86
CA GLN C 283 -12.09 -29.78 8.17
C GLN C 283 -11.52 -30.39 9.42
N LEU C 284 -12.34 -30.56 10.48
CA LEU C 284 -11.90 -31.16 11.73
C LEU C 284 -11.42 -32.60 11.53
N GLN C 285 -12.12 -33.38 10.68
CA GLN C 285 -11.75 -34.76 10.39
C GLN C 285 -10.36 -34.81 9.75
N THR C 286 -10.12 -33.93 8.77
CA THR C 286 -8.86 -33.74 8.05
C THR C 286 -7.71 -33.40 9.01
N LEU C 287 -7.94 -32.47 9.95
CA LEU C 287 -6.93 -32.02 10.92
C LEU C 287 -6.58 -33.11 11.91
N LEU C 288 -7.56 -33.91 12.33
CA LEU C 288 -7.35 -35.01 13.29
C LEU C 288 -6.41 -36.06 12.70
N LYS C 289 -6.39 -36.20 11.36
CA LYS C 289 -5.53 -37.14 10.63
C LYS C 289 -4.05 -36.68 10.65
N ASN C 290 -3.79 -35.38 10.85
CA ASN C 290 -2.43 -34.85 10.93
C ASN C 290 -1.78 -35.19 12.30
N ARG C 291 -0.51 -35.64 12.25
CA ARG C 291 0.28 -36.02 13.43
C ARG C 291 0.48 -34.81 14.37
N GLY C 292 0.53 -33.60 13.81
CA GLY C 292 0.67 -32.34 14.54
C GLY C 292 -0.54 -31.92 15.36
N ALA C 293 -1.71 -32.58 15.13
CA ALA C 293 -2.94 -32.31 15.88
C ALA C 293 -2.99 -33.10 17.19
N PHE C 294 -1.90 -33.88 17.51
CA PHE C 294 -1.73 -34.73 18.72
C PHE C 294 -2.22 -34.05 19.99
N GLU C 295 -1.72 -32.85 20.29
CA GLU C 295 -2.09 -32.08 21.47
C GLU C 295 -3.58 -31.72 21.54
N PHE C 296 -4.23 -31.57 20.36
CA PHE C 296 -5.60 -31.07 20.24
C PHE C 296 -6.61 -32.15 19.92
N ALA C 297 -6.18 -33.43 19.94
CA ALA C 297 -7.00 -34.60 19.66
C ALA C 297 -8.32 -34.62 20.47
N SER C 298 -8.29 -34.29 21.77
CA SER C 298 -9.48 -34.31 22.64
C SER C 298 -10.42 -33.15 22.32
N THR C 299 -9.88 -31.95 22.04
CA THR C 299 -10.65 -30.79 21.66
C THR C 299 -11.37 -31.08 20.32
N ILE C 300 -10.63 -31.61 19.32
CA ILE C 300 -11.16 -31.95 18.00
C ILE C 300 -12.29 -32.99 18.18
N ARG C 301 -12.04 -34.03 19.01
CA ARG C 301 -13.03 -35.08 19.32
C ARG C 301 -14.31 -34.42 19.90
N GLY C 302 -14.15 -33.52 20.87
CA GLY C 302 -15.25 -32.80 21.50
C GLY C 302 -16.18 -32.16 20.50
N MET C 303 -15.60 -31.42 19.54
CA MET C 303 -16.31 -30.71 18.47
C MET C 303 -16.98 -31.67 17.49
N LEU C 304 -16.29 -32.77 17.11
CA LEU C 304 -16.82 -33.77 16.20
C LEU C 304 -18.02 -34.48 16.84
N VAL C 305 -18.00 -34.66 18.18
CA VAL C 305 -19.12 -35.26 18.88
C VAL C 305 -20.28 -34.26 18.81
N ASP C 306 -20.02 -32.95 19.03
CA ASP C 306 -21.03 -31.87 18.92
C ASP C 306 -21.63 -31.80 17.50
N LEU C 307 -20.85 -32.18 16.48
CA LEU C 307 -21.23 -32.14 15.07
C LEU C 307 -21.76 -33.50 14.56
N GLY C 308 -22.04 -34.42 15.50
CA GLY C 308 -22.68 -35.70 15.21
C GLY C 308 -21.84 -36.88 14.80
N SER C 309 -20.50 -36.81 14.91
CA SER C 309 -19.66 -37.96 14.62
C SER C 309 -19.77 -39.00 15.75
N SER C 310 -19.67 -40.29 15.43
CA SER C 310 -19.70 -41.32 16.47
C SER C 310 -18.29 -41.50 17.05
N THR C 311 -18.21 -42.09 18.25
CA THR C 311 -16.95 -42.38 18.96
C THR C 311 -16.01 -43.15 18.04
N ASN C 312 -16.54 -44.17 17.33
CA ASN C 312 -15.77 -45.02 16.45
C ASN C 312 -15.35 -44.35 15.15
N GLU C 313 -16.16 -43.40 14.63
CA GLU C 313 -15.77 -42.63 13.43
C GLU C 313 -14.58 -41.75 13.74
N ILE C 314 -14.60 -41.05 14.91
CA ILE C 314 -13.50 -40.17 15.38
C ILE C 314 -12.24 -41.00 15.67
N GLN C 315 -12.42 -42.12 16.38
CA GLN C 315 -11.34 -43.01 16.80
C GLN C 315 -10.52 -43.47 15.59
N LYS C 316 -11.19 -43.85 14.47
CA LYS C 316 -10.54 -44.34 13.23
C LYS C 316 -9.64 -43.28 12.57
N LEU C 317 -9.91 -41.97 12.81
CA LEU C 317 -9.15 -40.87 12.23
C LEU C 317 -7.78 -40.63 12.90
N ILE C 318 -7.66 -40.93 14.19
CA ILE C 318 -6.43 -40.67 14.95
C ILE C 318 -5.25 -41.53 14.40
N PRO C 319 -4.12 -40.86 13.99
CA PRO C 319 -2.98 -41.63 13.45
C PRO C 319 -2.34 -42.49 14.53
N LYS C 320 -1.90 -43.70 14.15
CA LYS C 320 -1.21 -44.64 15.04
C LYS C 320 0.19 -44.09 15.29
N MET C 321 0.57 -43.95 16.55
CA MET C 321 1.88 -43.42 16.92
C MET C 321 2.58 -44.34 17.87
N ASP C 322 3.90 -44.44 17.75
CA ASP C 322 4.64 -45.27 18.67
C ASP C 322 4.76 -44.50 20.01
N LYS C 323 4.90 -45.23 21.13
CA LYS C 323 4.94 -44.67 22.48
C LYS C 323 6.12 -43.72 22.69
N GLN C 324 7.22 -43.96 21.97
CA GLN C 324 8.39 -43.10 22.06
C GLN C 324 8.07 -41.74 21.38
N GLU C 325 7.35 -41.77 20.22
CA GLU C 325 6.94 -40.54 19.52
C GLU C 325 6.01 -39.73 20.40
N MET C 326 5.06 -40.39 21.09
CA MET C 326 4.12 -39.76 22.02
C MET C 326 4.87 -39.10 23.16
N ALA C 327 5.83 -39.83 23.78
CA ALA C 327 6.66 -39.35 24.90
C ALA C 327 7.46 -38.11 24.49
N ARG C 328 7.99 -38.06 23.26
CA ARG C 328 8.71 -36.90 22.74
C ARG C 328 7.78 -35.69 22.67
N ARG C 329 6.55 -35.92 22.17
CA ARG C 329 5.51 -34.91 21.99
C ARG C 329 4.92 -34.49 23.34
N GLN C 330 4.51 -35.46 24.19
CA GLN C 330 3.93 -35.20 25.52
C GLN C 330 4.88 -34.36 26.38
N LYS C 331 6.20 -34.63 26.28
CA LYS C 331 7.24 -33.90 27.02
C LYS C 331 7.47 -32.52 26.41
N ARG C 332 7.43 -32.40 25.06
CA ARG C 332 7.57 -31.09 24.36
C ARG C 332 6.39 -30.16 24.71
N ILE C 333 5.17 -30.73 24.84
CA ILE C 333 3.93 -30.02 25.19
C ILE C 333 4.03 -29.58 26.67
N LEU C 334 4.61 -30.44 27.54
CA LEU C 334 4.79 -30.16 28.97
C LEU C 334 5.81 -29.02 29.22
N GLU C 335 6.94 -28.99 28.47
CA GLU C 335 7.99 -27.97 28.61
C GLU C 335 7.56 -26.61 28.02
N ASN C 336 6.71 -26.60 26.97
CA ASN C 336 6.24 -25.36 26.33
C ASN C 336 5.19 -24.63 27.19
N ALA C 337 4.41 -25.38 28.00
CA ALA C 337 3.37 -24.86 28.90
C ALA C 337 3.98 -24.09 30.10
N ALA C 338 5.24 -24.42 30.47
CA ALA C 338 5.97 -23.79 31.57
C ALA C 338 6.84 -22.61 31.09
N PRO D 9 -28.84 -19.84 -22.02
CA PRO D 9 -29.12 -18.40 -21.93
C PRO D 9 -27.89 -17.61 -21.44
N SER D 10 -27.39 -17.98 -20.23
CA SER D 10 -26.20 -17.40 -19.61
C SER D 10 -24.96 -18.23 -19.98
N LYS D 11 -23.77 -17.86 -19.48
CA LYS D 11 -22.53 -18.57 -19.78
C LYS D 11 -22.15 -19.50 -18.58
N LEU D 12 -23.18 -20.04 -17.88
CA LEU D 12 -22.99 -20.93 -16.71
C LEU D 12 -22.77 -22.37 -17.08
N ALA D 13 -21.66 -22.94 -16.58
CA ALA D 13 -21.36 -24.35 -16.72
C ALA D 13 -21.97 -25.06 -15.50
N VAL D 14 -23.02 -25.87 -15.71
CA VAL D 14 -23.77 -26.57 -14.67
C VAL D 14 -23.57 -28.08 -14.75
N ALA D 15 -23.48 -28.75 -13.57
CA ALA D 15 -23.43 -30.22 -13.48
C ALA D 15 -24.46 -30.72 -12.48
N VAL D 16 -25.20 -31.79 -12.84
CA VAL D 16 -26.20 -32.41 -11.96
C VAL D 16 -25.64 -33.79 -11.59
N VAL D 17 -25.55 -34.08 -10.29
CA VAL D 17 -24.92 -35.32 -9.83
C VAL D 17 -25.90 -36.14 -9.00
N ASP D 18 -25.90 -37.46 -9.21
CA ASP D 18 -26.73 -38.41 -8.48
C ASP D 18 -25.88 -39.64 -8.13
N SER D 19 -26.48 -40.83 -8.08
CA SER D 19 -25.76 -42.05 -7.75
C SER D 19 -25.18 -42.76 -9.00
N SER D 20 -26.05 -43.20 -9.96
CA SER D 20 -25.71 -43.99 -11.16
C SER D 20 -25.75 -43.20 -12.53
N ASN D 21 -26.11 -41.89 -12.52
CA ASN D 21 -26.27 -41.07 -13.75
C ASN D 21 -27.29 -41.75 -14.65
N MET D 22 -28.45 -42.11 -14.07
CA MET D 22 -29.51 -42.83 -14.76
C MET D 22 -30.85 -42.14 -14.66
N ASN D 23 -31.36 -41.95 -13.43
CA ASN D 23 -32.68 -41.36 -13.22
C ASN D 23 -32.64 -39.85 -13.00
N ARG D 24 -32.37 -39.41 -11.75
CA ARG D 24 -32.47 -38.02 -11.29
C ARG D 24 -31.62 -37.02 -12.07
N SER D 25 -30.32 -37.30 -12.29
CA SER D 25 -29.47 -36.34 -13.01
C SER D 25 -29.91 -36.19 -14.45
N MET D 26 -30.36 -37.28 -15.08
CA MET D 26 -30.74 -37.31 -16.49
C MET D 26 -32.05 -36.59 -16.73
N GLU D 27 -32.99 -36.63 -15.77
CA GLU D 27 -34.24 -35.89 -15.88
C GLU D 27 -33.96 -34.38 -15.81
N ALA D 28 -33.01 -33.97 -14.95
CA ALA D 28 -32.60 -32.58 -14.83
C ALA D 28 -31.74 -32.16 -16.03
N HIS D 29 -30.81 -33.03 -16.49
CA HIS D 29 -29.93 -32.82 -17.64
C HIS D 29 -30.78 -32.51 -18.87
N ASN D 30 -31.81 -33.35 -19.09
CA ASN D 30 -32.79 -33.28 -20.15
C ASN D 30 -33.47 -31.90 -20.19
N PHE D 31 -34.06 -31.48 -19.07
CA PHE D 31 -34.77 -30.22 -18.97
C PHE D 31 -33.84 -29.00 -19.07
N LEU D 32 -32.63 -29.06 -18.46
CA LEU D 32 -31.69 -27.93 -18.50
C LEU D 32 -31.11 -27.73 -19.92
N ALA D 33 -30.81 -28.84 -20.63
CA ALA D 33 -30.30 -28.81 -22.01
C ALA D 33 -31.33 -28.15 -22.94
N LYS D 34 -32.63 -28.49 -22.75
CA LYS D 34 -33.76 -27.94 -23.48
C LYS D 34 -33.98 -26.45 -23.17
N LYS D 35 -33.40 -25.95 -22.05
CA LYS D 35 -33.50 -24.54 -21.68
C LYS D 35 -32.27 -23.78 -22.19
N GLY D 36 -31.36 -24.50 -22.85
CA GLY D 36 -30.15 -23.96 -23.46
C GLY D 36 -28.92 -23.84 -22.59
N PHE D 37 -28.92 -24.54 -21.44
CA PHE D 37 -27.80 -24.48 -20.51
C PHE D 37 -26.68 -25.42 -20.90
N ASN D 38 -25.43 -25.01 -20.61
CA ASN D 38 -24.21 -25.82 -20.78
C ASN D 38 -24.21 -26.79 -19.58
N VAL D 39 -24.92 -27.92 -19.73
CA VAL D 39 -25.12 -28.90 -18.67
C VAL D 39 -24.39 -30.21 -18.94
N ARG D 40 -23.87 -30.81 -17.87
CA ARG D 40 -23.25 -32.14 -17.82
C ARG D 40 -23.83 -32.86 -16.61
N SER D 41 -23.83 -34.19 -16.61
CA SER D 41 -24.37 -34.95 -15.49
C SER D 41 -23.45 -36.08 -15.13
N TYR D 42 -23.45 -36.51 -13.84
CA TYR D 42 -22.58 -37.56 -13.32
C TYR D 42 -23.25 -38.37 -12.22
N GLY D 43 -22.63 -39.51 -11.90
CA GLY D 43 -23.01 -40.41 -10.84
C GLY D 43 -21.86 -40.50 -9.85
N THR D 44 -22.16 -40.66 -8.55
CA THR D 44 -21.12 -40.72 -7.49
C THR D 44 -20.79 -42.15 -7.04
N GLY D 45 -21.62 -43.13 -7.47
CA GLY D 45 -21.44 -44.54 -7.15
C GLY D 45 -20.19 -45.18 -7.74
N GLU D 46 -19.88 -46.40 -7.30
CA GLU D 46 -18.73 -47.16 -7.80
C GLU D 46 -19.05 -47.71 -9.20
N ARG D 47 -20.29 -48.20 -9.37
CA ARG D 47 -20.84 -48.75 -10.61
C ARG D 47 -22.30 -48.26 -10.80
N VAL D 48 -22.83 -48.41 -12.02
CA VAL D 48 -24.19 -48.02 -12.41
C VAL D 48 -25.18 -49.10 -11.93
N LYS D 49 -26.09 -48.73 -11.00
CA LYS D 49 -27.06 -49.66 -10.45
C LYS D 49 -28.49 -49.34 -10.88
N LEU D 50 -29.15 -50.33 -11.51
CA LEU D 50 -30.53 -50.29 -12.01
C LEU D 50 -31.38 -51.37 -11.32
N PRO D 51 -32.68 -51.12 -11.03
CA PRO D 51 -33.49 -52.16 -10.37
C PRO D 51 -33.71 -53.40 -11.26
N GLY D 52 -33.93 -54.54 -10.62
CA GLY D 52 -34.13 -55.79 -11.35
C GLY D 52 -35.47 -56.40 -11.08
N MET D 53 -35.48 -57.74 -11.00
CA MET D 53 -36.68 -58.54 -10.74
C MET D 53 -36.84 -58.81 -9.23
N ALA D 54 -35.79 -58.50 -8.44
CA ALA D 54 -35.74 -58.64 -6.99
C ALA D 54 -34.89 -57.53 -6.36
N PHE D 55 -35.13 -57.23 -5.06
CA PHE D 55 -34.41 -56.22 -4.29
C PHE D 55 -32.92 -56.55 -4.19
N ASP D 56 -32.59 -57.84 -3.99
CA ASP D 56 -31.21 -58.32 -3.88
C ASP D 56 -30.60 -58.62 -5.25
N LYS D 57 -31.40 -58.54 -6.33
CA LYS D 57 -30.94 -58.83 -7.68
C LYS D 57 -31.03 -57.56 -8.60
N PRO D 58 -29.99 -56.68 -8.58
CA PRO D 58 -30.04 -55.48 -9.43
C PRO D 58 -29.26 -55.63 -10.74
N ASN D 59 -29.34 -54.62 -11.62
CA ASN D 59 -28.63 -54.60 -12.89
C ASN D 59 -27.44 -53.67 -12.74
N VAL D 60 -26.24 -54.27 -12.62
CA VAL D 60 -25.00 -53.54 -12.37
C VAL D 60 -24.14 -53.48 -13.64
N TYR D 61 -23.64 -52.27 -13.95
CA TYR D 61 -22.79 -51.94 -15.11
C TYR D 61 -21.67 -50.99 -14.70
N GLU D 62 -20.52 -51.08 -15.38
CA GLU D 62 -19.40 -50.18 -15.11
C GLU D 62 -19.68 -48.80 -15.72
N PHE D 63 -19.20 -47.71 -15.11
CA PHE D 63 -19.43 -46.38 -15.72
C PHE D 63 -18.67 -46.34 -17.05
N GLY D 64 -19.26 -45.71 -18.05
CA GLY D 64 -18.66 -45.66 -19.38
C GLY D 64 -19.35 -46.62 -20.34
N THR D 65 -20.19 -47.55 -19.79
CA THR D 65 -21.01 -48.49 -20.56
C THR D 65 -22.07 -47.69 -21.30
N LYS D 66 -22.10 -47.77 -22.64
CA LYS D 66 -23.07 -47.06 -23.49
C LYS D 66 -24.50 -47.33 -23.03
N TYR D 67 -25.37 -46.28 -23.04
CA TYR D 67 -26.79 -46.39 -22.65
C TYR D 67 -27.51 -47.35 -23.60
N GLU D 68 -27.06 -47.34 -24.88
CA GLU D 68 -27.50 -48.14 -26.01
C GLU D 68 -27.32 -49.63 -25.72
N ASP D 69 -26.15 -50.00 -25.16
CA ASP D 69 -25.79 -51.37 -24.80
C ASP D 69 -26.60 -51.85 -23.59
N ILE D 70 -26.89 -50.95 -22.63
CA ILE D 70 -27.69 -51.28 -21.42
C ILE D 70 -29.16 -51.50 -21.84
N TYR D 71 -29.62 -50.76 -22.88
CA TYR D 71 -30.98 -50.88 -23.45
C TYR D 71 -31.13 -52.28 -24.05
N ARG D 72 -30.18 -52.64 -24.94
CA ARG D 72 -30.10 -53.92 -25.64
C ARG D 72 -29.95 -55.09 -24.65
N ASP D 73 -29.18 -54.89 -23.57
CA ASP D 73 -28.93 -55.90 -22.53
C ASP D 73 -30.21 -56.26 -21.79
N LEU D 74 -30.99 -55.24 -21.39
CA LEU D 74 -32.25 -55.42 -20.66
C LEU D 74 -33.35 -55.88 -21.60
N GLU D 75 -33.19 -55.60 -22.90
CA GLU D 75 -34.12 -56.00 -23.97
C GLU D 75 -34.05 -57.52 -24.16
N SER D 76 -32.82 -58.06 -24.32
CA SER D 76 -32.54 -59.49 -24.48
C SER D 76 -32.82 -60.28 -23.19
N LYS D 77 -32.71 -59.61 -22.03
CA LYS D 77 -32.99 -60.21 -20.71
C LYS D 77 -34.50 -60.48 -20.61
N ASP D 78 -35.34 -59.40 -20.63
CA ASP D 78 -36.81 -59.45 -20.56
C ASP D 78 -37.40 -58.13 -21.10
N LYS D 79 -37.64 -58.08 -22.45
CA LYS D 79 -38.17 -56.91 -23.17
C LYS D 79 -39.53 -56.45 -22.62
N GLU D 80 -40.42 -57.38 -22.22
CA GLU D 80 -41.74 -57.03 -21.70
C GLU D 80 -41.66 -56.40 -20.29
N PHE D 81 -40.96 -57.05 -19.34
CA PHE D 81 -40.83 -56.58 -17.95
C PHE D 81 -40.15 -55.19 -17.85
N TYR D 82 -39.09 -54.96 -18.64
CA TYR D 82 -38.34 -53.70 -18.63
C TYR D 82 -39.02 -52.58 -19.45
N THR D 83 -40.22 -52.86 -20.00
CA THR D 83 -41.05 -51.89 -20.70
C THR D 83 -42.14 -51.45 -19.72
N GLN D 84 -42.60 -52.38 -18.86
CA GLN D 84 -43.63 -52.13 -17.86
C GLN D 84 -43.09 -51.35 -16.66
N ASN D 85 -41.80 -51.52 -16.31
CA ASN D 85 -41.21 -50.80 -15.18
C ASN D 85 -40.59 -49.43 -15.62
N GLY D 86 -40.69 -49.12 -16.92
CA GLY D 86 -40.25 -47.86 -17.52
C GLY D 86 -38.76 -47.64 -17.61
N LEU D 87 -37.97 -48.71 -17.46
CA LEU D 87 -36.51 -48.63 -17.51
C LEU D 87 -36.00 -48.42 -18.92
N LEU D 88 -36.69 -48.99 -19.92
CA LEU D 88 -36.30 -48.86 -21.32
C LEU D 88 -36.68 -47.46 -21.82
N HIS D 89 -37.76 -46.87 -21.27
CA HIS D 89 -38.21 -45.50 -21.57
C HIS D 89 -37.13 -44.51 -21.09
N MET D 90 -36.58 -44.77 -19.89
CA MET D 90 -35.52 -43.99 -19.24
C MET D 90 -34.22 -44.07 -20.05
N LEU D 91 -33.77 -45.30 -20.40
CA LEU D 91 -32.56 -45.54 -21.17
C LEU D 91 -32.61 -44.91 -22.56
N ASP D 92 -33.81 -44.87 -23.18
CA ASP D 92 -34.02 -44.26 -24.49
C ASP D 92 -33.85 -42.74 -24.37
N ARG D 93 -34.43 -42.18 -23.31
CA ARG D 93 -34.35 -40.77 -22.96
C ARG D 93 -32.87 -40.38 -22.83
N ASN D 94 -32.10 -41.21 -22.08
CA ASN D 94 -30.67 -41.03 -21.80
C ASN D 94 -29.79 -41.15 -23.04
N ARG D 95 -29.96 -42.24 -23.86
CA ARG D 95 -29.16 -42.49 -25.07
C ARG D 95 -29.30 -41.33 -26.07
N ARG D 96 -30.43 -40.60 -26.02
CA ARG D 96 -30.74 -39.42 -26.83
C ARG D 96 -29.97 -38.19 -26.35
N ILE D 97 -29.65 -38.12 -25.03
CA ILE D 97 -28.92 -37.01 -24.42
C ILE D 97 -27.41 -37.20 -24.66
N LYS D 98 -26.88 -38.36 -24.23
CA LYS D 98 -25.45 -38.65 -24.35
C LYS D 98 -25.18 -40.15 -24.53
N LYS D 99 -23.90 -40.48 -24.79
CA LYS D 99 -23.38 -41.82 -25.07
C LYS D 99 -23.50 -42.77 -23.86
N CYS D 100 -22.91 -42.41 -22.70
CA CYS D 100 -22.87 -43.30 -21.53
C CYS D 100 -22.93 -42.55 -20.18
N PRO D 101 -23.32 -43.26 -19.07
CA PRO D 101 -23.24 -42.62 -17.74
C PRO D 101 -21.78 -42.41 -17.32
N GLU D 102 -21.48 -41.25 -16.70
CA GLU D 102 -20.13 -40.86 -16.29
C GLU D 102 -20.00 -40.70 -14.77
N ARG D 103 -18.81 -40.97 -14.22
CA ARG D 103 -18.54 -40.84 -12.80
C ARG D 103 -17.87 -39.49 -12.52
N PHE D 104 -18.41 -38.76 -11.52
CA PHE D 104 -17.95 -37.43 -11.09
C PHE D 104 -16.48 -37.45 -10.65
N GLN D 105 -16.08 -38.50 -9.93
CA GLN D 105 -14.74 -38.68 -9.38
C GLN D 105 -13.67 -38.85 -10.47
N ASP D 106 -14.09 -39.11 -11.72
CA ASP D 106 -13.16 -39.32 -12.82
C ASP D 106 -13.16 -38.17 -13.84
N THR D 107 -14.09 -37.19 -13.71
CA THR D 107 -14.15 -36.10 -14.68
C THR D 107 -13.07 -35.04 -14.40
N LYS D 108 -12.57 -34.45 -15.50
CA LYS D 108 -11.58 -33.37 -15.51
C LYS D 108 -12.31 -32.04 -15.83
N GLU D 109 -13.64 -32.11 -16.01
CA GLU D 109 -14.49 -30.96 -16.31
C GLU D 109 -14.67 -30.06 -15.06
N GLN D 110 -14.74 -28.75 -15.28
CA GLN D 110 -14.91 -27.73 -14.26
C GLN D 110 -16.23 -27.00 -14.47
N PHE D 111 -16.93 -26.69 -13.34
CA PHE D 111 -18.23 -26.03 -13.40
C PHE D 111 -18.29 -24.77 -12.54
N ASP D 112 -19.35 -23.98 -12.75
CA ASP D 112 -19.67 -22.77 -11.99
C ASP D 112 -20.59 -23.18 -10.82
N ILE D 113 -21.55 -24.09 -11.13
CA ILE D 113 -22.55 -24.66 -10.24
C ILE D 113 -22.56 -26.18 -10.41
N ILE D 114 -22.62 -26.91 -9.28
CA ILE D 114 -22.79 -28.36 -9.15
C ILE D 114 -24.03 -28.57 -8.27
N VAL D 115 -25.02 -29.33 -8.77
CA VAL D 115 -26.24 -29.64 -8.04
C VAL D 115 -26.28 -31.14 -7.77
N THR D 116 -26.44 -31.54 -6.50
CA THR D 116 -26.58 -32.94 -6.06
C THR D 116 -28.05 -33.18 -5.67
N VAL D 117 -28.53 -34.41 -5.88
CA VAL D 117 -29.93 -34.77 -5.65
C VAL D 117 -30.21 -35.44 -4.29
N GLU D 118 -29.19 -35.60 -3.43
CA GLU D 118 -29.33 -36.11 -2.06
C GLU D 118 -28.04 -35.88 -1.28
N GLU D 119 -28.18 -35.58 0.03
CA GLU D 119 -27.09 -35.24 0.96
C GLU D 119 -25.90 -36.23 0.91
N ARG D 120 -26.21 -37.51 0.74
CA ARG D 120 -25.24 -38.60 0.62
C ARG D 120 -24.35 -38.37 -0.62
N VAL D 121 -24.95 -37.89 -1.74
CA VAL D 121 -24.26 -37.57 -3.00
C VAL D 121 -23.40 -36.28 -2.78
N TYR D 122 -24.01 -35.26 -2.15
CA TYR D 122 -23.39 -33.98 -1.76
C TYR D 122 -22.06 -34.25 -1.03
N ASP D 123 -22.09 -35.14 -0.02
CA ASP D 123 -20.93 -35.54 0.78
C ASP D 123 -19.85 -36.19 -0.10
N LEU D 124 -20.26 -37.04 -1.04
CA LEU D 124 -19.33 -37.71 -1.97
C LEU D 124 -18.65 -36.69 -2.89
N VAL D 125 -19.40 -35.66 -3.37
CA VAL D 125 -18.89 -34.60 -4.27
C VAL D 125 -17.88 -33.71 -3.53
N VAL D 126 -18.29 -33.23 -2.36
CA VAL D 126 -17.53 -32.36 -1.47
C VAL D 126 -16.27 -33.12 -0.96
N MET D 127 -16.36 -34.42 -0.56
CA MET D 127 -15.20 -35.23 -0.13
C MET D 127 -14.16 -35.31 -1.24
N HIS D 128 -14.61 -35.66 -2.45
CA HIS D 128 -13.78 -35.82 -3.61
C HIS D 128 -13.06 -34.54 -3.99
N MET D 129 -13.80 -33.43 -4.11
CA MET D 129 -13.22 -32.15 -4.50
C MET D 129 -12.21 -31.61 -3.49
N GLU D 130 -12.38 -31.96 -2.19
CA GLU D 130 -11.46 -31.59 -1.12
C GLU D 130 -10.20 -32.50 -1.13
N SER D 131 -10.36 -33.77 -1.58
CA SER D 131 -9.29 -34.79 -1.69
C SER D 131 -8.18 -34.38 -2.70
N MET D 132 -8.49 -33.43 -3.60
CA MET D 132 -7.59 -32.88 -4.64
C MET D 132 -7.09 -31.52 -4.26
N GLU D 133 -5.76 -31.31 -4.39
CA GLU D 133 -5.10 -30.03 -4.14
C GLU D 133 -5.62 -29.00 -5.16
N SER D 134 -5.89 -27.75 -4.71
CA SER D 134 -6.41 -26.69 -5.60
C SER D 134 -5.28 -26.07 -6.43
N VAL D 135 -5.47 -26.05 -7.77
CA VAL D 135 -4.48 -25.57 -8.74
C VAL D 135 -4.90 -24.21 -9.30
N ASP D 136 -6.06 -24.14 -9.95
CA ASP D 136 -6.55 -22.91 -10.56
C ASP D 136 -7.09 -21.91 -9.55
N ASN D 137 -7.41 -22.39 -8.32
CA ASN D 137 -7.99 -21.59 -7.22
C ASN D 137 -9.35 -21.01 -7.68
N ARG D 138 -10.03 -21.77 -8.56
CA ARG D 138 -11.34 -21.41 -9.11
C ARG D 138 -12.44 -21.98 -8.20
N PRO D 139 -13.31 -21.11 -7.61
CA PRO D 139 -14.40 -21.63 -6.78
C PRO D 139 -15.57 -22.17 -7.60
N VAL D 140 -16.32 -23.08 -6.98
CA VAL D 140 -17.52 -23.69 -7.54
C VAL D 140 -18.57 -23.80 -6.41
N HIS D 141 -19.80 -23.40 -6.70
CA HIS D 141 -20.92 -23.52 -5.78
C HIS D 141 -21.50 -24.91 -5.89
N VAL D 142 -21.58 -25.60 -4.76
CA VAL D 142 -22.13 -26.95 -4.66
C VAL D 142 -23.42 -26.81 -3.89
N LEU D 143 -24.52 -27.17 -4.54
CA LEU D 143 -25.86 -27.07 -3.97
C LEU D 143 -26.53 -28.43 -3.90
N ASN D 144 -27.36 -28.65 -2.85
CA ASN D 144 -28.09 -29.91 -2.71
C ASN D 144 -29.59 -29.67 -2.77
N VAL D 145 -30.25 -30.35 -3.71
CA VAL D 145 -31.70 -30.31 -3.92
C VAL D 145 -32.13 -31.78 -3.83
N ASP D 146 -32.73 -32.18 -2.69
N ASP D 146 -32.78 -32.17 -2.71
CA ASP D 146 -33.12 -33.58 -2.42
CA ASP D 146 -33.21 -33.55 -2.48
C ASP D 146 -34.23 -34.06 -3.37
C ASP D 146 -34.22 -33.99 -3.52
N VAL D 147 -33.95 -35.13 -4.14
CA VAL D 147 -34.87 -35.74 -5.13
C VAL D 147 -34.94 -37.19 -4.77
N VAL D 148 -36.16 -37.69 -4.48
CA VAL D 148 -36.43 -39.09 -4.14
C VAL D 148 -36.26 -39.94 -5.41
N ASN D 149 -35.58 -41.09 -5.29
CA ASN D 149 -35.25 -41.92 -6.46
C ASN D 149 -36.43 -42.78 -6.99
N ASN D 150 -37.29 -42.17 -7.80
CA ASN D 150 -38.44 -42.74 -8.50
C ASN D 150 -38.80 -41.81 -9.66
N ALA D 151 -39.37 -42.35 -10.76
CA ALA D 151 -39.70 -41.59 -11.99
C ALA D 151 -40.53 -40.33 -11.72
N GLU D 152 -41.58 -40.42 -10.89
CA GLU D 152 -42.46 -39.31 -10.56
C GLU D 152 -41.71 -38.18 -9.81
N ASP D 153 -40.90 -38.52 -8.79
CA ASP D 153 -40.15 -37.53 -8.01
C ASP D 153 -38.95 -36.98 -8.78
N ALA D 154 -38.34 -37.78 -9.69
CA ALA D 154 -37.23 -37.33 -10.54
C ALA D 154 -37.72 -36.25 -11.51
N LEU D 155 -39.01 -36.31 -11.90
CA LEU D 155 -39.65 -35.35 -12.78
C LEU D 155 -39.88 -34.03 -12.04
N MET D 156 -40.49 -34.08 -10.85
CA MET D 156 -40.77 -32.92 -10.00
C MET D 156 -39.48 -32.22 -9.61
N GLY D 157 -38.48 -33.02 -9.22
CA GLY D 157 -37.14 -32.58 -8.83
C GLY D 157 -36.41 -31.84 -9.92
N ALA D 158 -36.49 -32.36 -11.16
CA ALA D 158 -35.90 -31.78 -12.36
C ALA D 158 -36.47 -30.41 -12.63
N PHE D 159 -37.74 -30.17 -12.28
CA PHE D 159 -38.34 -28.85 -12.44
C PHE D 159 -37.77 -27.87 -11.40
N VAL D 160 -37.55 -28.35 -10.16
CA VAL D 160 -37.01 -27.54 -9.06
C VAL D 160 -35.58 -27.11 -9.43
N ILE D 161 -34.73 -28.07 -9.84
CA ILE D 161 -33.34 -27.82 -10.26
C ILE D 161 -33.30 -26.88 -11.47
N THR D 162 -34.22 -27.05 -12.46
CA THR D 162 -34.21 -26.21 -13.66
C THR D 162 -34.61 -24.78 -13.28
N ASP D 163 -35.70 -24.61 -12.51
CA ASP D 163 -36.18 -23.30 -12.06
C ASP D 163 -35.14 -22.58 -11.19
N MET D 164 -34.34 -23.36 -10.40
CA MET D 164 -33.29 -22.82 -9.53
C MET D 164 -32.15 -22.29 -10.38
N ILE D 165 -31.74 -23.08 -11.39
CA ILE D 165 -30.65 -22.68 -12.30
C ILE D 165 -31.08 -21.48 -13.16
N ASN D 166 -32.38 -21.36 -13.50
CA ASN D 166 -32.90 -20.22 -14.25
C ASN D 166 -32.81 -18.93 -13.45
N MET D 167 -33.19 -18.98 -12.17
CA MET D 167 -33.16 -17.85 -11.23
C MET D 167 -31.71 -17.35 -11.08
N MET D 168 -30.78 -18.30 -10.94
CA MET D 168 -29.36 -18.02 -10.82
C MET D 168 -28.75 -17.50 -12.11
N ALA D 169 -29.24 -17.97 -13.27
CA ALA D 169 -28.78 -17.52 -14.58
C ALA D 169 -29.15 -16.05 -14.82
N LYS D 170 -30.29 -15.59 -14.26
CA LYS D 170 -30.81 -14.23 -14.38
C LYS D 170 -29.94 -13.20 -13.68
N SER D 171 -29.14 -13.63 -12.68
CA SER D 171 -28.30 -12.74 -11.89
C SER D 171 -27.17 -12.16 -12.71
N THR D 172 -26.93 -10.85 -12.50
CA THR D 172 -25.87 -10.06 -13.14
C THR D 172 -24.54 -10.32 -12.43
N ASP D 173 -24.62 -10.71 -11.13
CA ASP D 173 -23.48 -11.12 -10.30
C ASP D 173 -23.96 -12.22 -9.35
N LEU D 174 -23.82 -13.49 -9.79
CA LEU D 174 -24.30 -14.64 -9.05
C LEU D 174 -23.64 -14.73 -7.67
N ASP D 175 -22.29 -14.78 -7.58
CA ASP D 175 -21.56 -14.85 -6.31
C ASP D 175 -22.09 -13.87 -5.27
N ASN D 176 -22.39 -12.64 -5.69
CA ASN D 176 -22.86 -11.63 -4.78
C ASN D 176 -24.36 -11.75 -4.45
N ASP D 177 -25.13 -12.53 -5.22
CA ASP D 177 -26.58 -12.64 -5.00
C ASP D 177 -27.05 -14.04 -4.55
N ILE D 178 -26.25 -15.08 -4.80
CA ILE D 178 -26.58 -16.49 -4.58
C ILE D 178 -27.21 -16.77 -3.21
N ASP D 179 -26.62 -16.30 -2.06
CA ASP D 179 -27.16 -16.64 -0.73
C ASP D 179 -28.61 -16.12 -0.54
N GLU D 180 -28.91 -14.88 -0.98
CA GLU D 180 -30.26 -14.31 -0.91
C GLU D 180 -31.23 -15.07 -1.85
N LEU D 181 -30.73 -15.45 -3.04
CA LEU D 181 -31.47 -16.21 -4.04
C LEU D 181 -31.89 -17.54 -3.46
N ILE D 182 -30.93 -18.29 -2.87
CA ILE D 182 -31.21 -19.57 -2.23
C ILE D 182 -32.23 -19.38 -1.11
N GLN D 183 -31.99 -18.38 -0.26
CA GLN D 183 -32.81 -18.00 0.88
C GLN D 183 -34.27 -17.88 0.51
N GLU D 184 -34.60 -17.10 -0.55
CA GLU D 184 -35.98 -16.89 -1.00
C GLU D 184 -36.54 -18.15 -1.69
N PHE D 185 -35.67 -18.88 -2.44
CA PHE D 185 -36.06 -20.10 -3.14
C PHE D 185 -36.48 -21.16 -2.12
N GLU D 186 -35.69 -21.32 -1.05
CA GLU D 186 -35.95 -22.22 0.08
C GLU D 186 -37.26 -21.91 0.73
N GLU D 187 -37.56 -20.62 0.94
CA GLU D 187 -38.79 -20.19 1.56
C GLU D 187 -40.00 -20.55 0.70
N ARG D 188 -40.02 -20.12 -0.58
CA ARG D 188 -41.10 -20.40 -1.52
C ARG D 188 -41.41 -21.90 -1.60
N ARG D 189 -40.37 -22.75 -1.80
CA ARG D 189 -40.53 -24.20 -1.99
C ARG D 189 -40.51 -24.98 -0.67
N LYS D 190 -40.43 -24.29 0.47
CA LYS D 190 -40.35 -24.93 1.81
C LYS D 190 -39.32 -26.10 1.80
N ARG D 191 -38.12 -25.80 1.25
CA ARG D 191 -37.03 -26.76 1.07
C ARG D 191 -35.76 -26.30 1.75
N VAL D 192 -34.84 -27.25 1.96
CA VAL D 192 -33.52 -26.97 2.52
C VAL D 192 -32.52 -27.22 1.39
N ILE D 193 -31.79 -26.17 1.00
CA ILE D 193 -30.77 -26.27 -0.06
C ILE D 193 -29.40 -26.08 0.60
N LEU D 194 -28.69 -27.19 0.84
CA LEU D 194 -27.33 -27.12 1.37
C LEU D 194 -26.46 -26.48 0.31
N HIS D 195 -25.67 -25.50 0.71
CA HIS D 195 -24.82 -24.74 -0.19
C HIS D 195 -23.43 -24.58 0.42
N SER D 196 -22.43 -25.06 -0.31
CA SER D 196 -21.01 -25.05 0.00
C SER D 196 -20.23 -24.42 -1.19
N VAL D 197 -18.96 -24.10 -0.94
CA VAL D 197 -18.05 -23.59 -1.96
C VAL D 197 -16.78 -24.48 -1.96
N LEU D 198 -16.40 -25.00 -3.14
CA LEU D 198 -15.20 -25.83 -3.28
C LEU D 198 -14.29 -25.21 -4.32
N PHE D 199 -13.05 -25.72 -4.44
CA PHE D 199 -12.06 -25.12 -5.33
C PHE D 199 -11.35 -26.12 -6.21
N TYR D 200 -11.09 -25.69 -7.44
CA TYR D 200 -10.32 -26.42 -8.46
C TYR D 200 -8.87 -25.98 -8.41
N SER E 12 -24.72 -48.37 -3.58
CA SER E 12 -25.59 -49.39 -2.98
C SER E 12 -27.06 -49.33 -3.51
N PRO E 13 -27.79 -48.18 -3.56
CA PRO E 13 -29.18 -48.24 -4.08
C PRO E 13 -29.25 -48.08 -5.60
N THR E 14 -30.36 -48.55 -6.18
CA THR E 14 -30.59 -48.51 -7.61
C THR E 14 -31.19 -47.16 -8.06
N SEP E 15 -31.10 -46.86 -9.35
CA SEP E 15 -31.67 -45.67 -9.96
CB SEP E 15 -30.61 -44.68 -10.49
OG SEP E 15 -30.47 -43.65 -9.53
C SEP E 15 -32.60 -46.12 -11.08
O SEP E 15 -32.08 -46.57 -12.11
P SEP E 15 -29.95 -42.34 -10.09
O1P SEP E 15 -31.06 -41.32 -9.94
O2P SEP E 15 -29.25 -42.24 -11.41
O3P SEP E 15 -28.92 -41.93 -9.06
N PRO E 16 -33.93 -46.06 -10.92
CA PRO E 16 -34.68 -45.61 -9.73
C PRO E 16 -34.67 -46.68 -8.66
N SER E 17 -35.24 -46.39 -7.47
CA SER E 17 -35.32 -47.39 -6.39
C SER E 17 -36.15 -48.60 -6.84
N TYR E 18 -35.85 -49.80 -6.30
CA TYR E 18 -36.50 -51.07 -6.66
C TYR E 18 -38.04 -51.01 -6.54
N SER E 19 -38.70 -51.57 -7.59
CA SER E 19 -40.12 -51.70 -7.94
C SER E 19 -40.47 -50.66 -9.03
P PO4 F . -6.11 15.22 -8.43
O1 PO4 F . -5.31 13.98 -8.95
O2 PO4 F . -5.16 16.44 -8.40
O3 PO4 F . -7.31 15.50 -9.42
O4 PO4 F . -6.67 15.02 -6.97
#